data_7W40
#
_entry.id   7W40
#
_cell.length_a   1.00
_cell.length_b   1.00
_cell.length_c   1.00
_cell.angle_alpha   90.00
_cell.angle_beta   90.00
_cell.angle_gamma   90.00
#
_symmetry.space_group_name_H-M   'P 1'
#
loop_
_entity.id
_entity.type
_entity.pdbx_description
1 polymer 'Maltodextrin-binding protein,Gastrin-releasing peptide receptor'
2 polymer 'Guanine nucleotide-binding protein G(q) subunit alpha'
3 polymer 'Guanine nucleotide-binding protein G(I)/G(S)/G(T) subunit beta-1'
4 polymer 'Guanine nucleotide-binding protein G(I)/G(S)/G(O) subunit gamma-2'
5 polymer ScFv16
6 polymer Bombesin
#
loop_
_entity_poly.entity_id
_entity_poly.type
_entity_poly.pdbx_seq_one_letter_code
_entity_poly.pdbx_strand_id
1 'polypeptide(L)'
;MKTIIALSYIFCLVFADYKDDDDKHHHHHHHHHHENLYFQGKIEEGKLVIWINGDKGYNGLAEVGKKFEKDTGIKVTVEH
PDKLEEKFPQVAATGDGPDIIFWAHDRFGGYAQSGLLAEITPDKAFQDKLYPFTWDAVRYNGKLIAYPIAVEALSLIYNK
DLLPNPPKTWEEIPALDKELKAKGKSALMFNLQEPYFTWPLIAADGGYAFKYAAGKYDIKDVGVDNAGAKAGLTFLVDLI
KNKHMNADTDYSIAEAAFNKGETAMTINGPWAWSNIDTSAVNYGVTVLPTFKGQPSKPFVGVLSAGINAASPNKELAKEF
LENYLLTDEGLEAVNKDKPLGAVALKSYEEELAKDPRIAATMENAQKGEIMPNIPQMSAFWYAVRTAVINAASGRQTVDE
ALKDAQTHSADLPVNDDWSHPGILYVIPAVYGVIILIGLIGNITLIKIFCTVKSMRNVPNLFISSLALGDLLLLITCAPV
DASRYLADRWLFGRIGCKLIPFIQLTSVGVSVFTLTALSADRYKAIVRPMDIQASHALMKACLKAAFIWIISMLLAIPEA
VFSDLHPFHEESTNQTFISCAPYPHSNELHPKIHSMASFLVFYVIPLSIISVYYYFIAKNLIQSAYNLPVEGNIHVKKQI
ESRKRLAKTVLVFVGLFAFCWLPNHVIYLYRSYHYSEVDTSMLHFVTSICARLLAFTNSCVNPFALYLLSKSFRKQFNTQ
LLCCQGSSGGGGSGGGGSSGFTLEDFVGDWEQTAAYNLDQVLEQGGVSSLLQNLAVSVTPIQRIVRSGENALKIDIHVII
PYEGLSADQMAQIEEVFKVVYPVDDHHFKVILPYGTLVIDGVTPNMLNYFGRPYEGIAVFDGKKITVTGTLWNGNKIIDE
RLITPDGSMLFRVTINS
;
A
2 'polypeptide(L)'
;MGCTLSAEDKAAVERSKMIDRNLREDGEKARRELKLLLLGTGESGKSTFIKQMRIIHGSGYSDEDKRGFTKLVYQNIFTA
MQAMIRAMDTLKIPYKYEHNKAHAQLVREVDVEKVSAFENPYVDAIKSLWNDPGIQECYDRRREYQLSDSTKYYLNDLDR
VADPAYLPTQQDVLRVQVPTTGIIEYPFDLQSVIFRMVDVGGLRSERRKWIHCFENVTSIMFLVALSEYDQVLVESDNEN
RMEESKALFRTIITYPWFQNSSVILFLNKKDLLEEKIMYSHLVDYFPEYDGPQRDAQAAREFILKMFVDLNPDSDKIIYS
HFTCATDTENIRFVFAAVKDTILQLNLKEYNLV
;
B
3 'polypeptide(L)'
;MHHHHHHHHHHGSSGSELDQLRQEAEQLKNQIRDARKACADATLSQITNNIDPVGRIQMRTRRTLRGHLAKIYAMHWGTD
SRLLVSASQDGKLIIWDSYTTNKVHAIPLRSSWVMTCAYAPSGNYVACGGLDNICSIYNLKTREGNVRVSRELAGHTGYL
SCCRFLDDNQIVTSSGDTTCALWDIETGQQTTTFTGHTGDVMSLSLAPDTRLFVSGACDASAKLWDVREGMCRQTFTGHE
SDINAICFFPNGNAFATGSDDATCRLFDLRADQELMTYSHDNIICGITSVSFSKSGRLLLAGYDDFNCNVWDALKADRAG
VLAGHDNRVSCLGVTDDGMAVATGSWDSFLKIWNGSSGGGGSGGGGSSGVSGWRLFKKIS
;
C
4 'polypeptide(L)'
;MHHHHHHHHHHASNNTASIAQARKLVEQLKMEANIDRIKVSKAAADLMAYCEAHAKEDPLLTPVPASENPFREKKFFCAI
L
;
D
5 'polypeptide(L)'
;MLLVNQSHQGFNKEHTSKMVSAIVLYVLLAAAAHSAFADVQLVESGGGLVQPGGSRKLSCSASGFAFSSFGMHWVRQAPE
KGLEWVAYISSGSGTIYYADTVKGRFTISRDDPKNTLFLQMTSLRSEDTAMYYCVRSIYYYGSSPFDFWGQGTTLTVSSG
GGGSGGGGSGGGGSDIVMTQATSSVPVTPGESVSISCRSSKSLLHSNGNTYLYWFLQRPGQSPQLLIYRMSNLASGVPDR
FSGSGSGTAFTLTISRLEAEDVGVYYCMQHLEYPLTFGAGTKLELKENLYFQGHHHHHHHHHH
;
H
6 'polypeptide(L)' (DPN)QWAV(BAL)HF(NLN) E
#
loop_
_chem_comp.id
_chem_comp.type
_chem_comp.name
_chem_comp.formula
BAL peptide-like BETA-ALANINE 'C3 H7 N O2'
#
# COMPACT_ATOMS: atom_id res chain seq x y z
N PRO A 421 -41.27 -11.95 -52.17
CA PRO A 421 -40.77 -11.43 -50.89
C PRO A 421 -39.74 -12.37 -50.26
N GLY A 422 -39.36 -13.44 -50.97
CA GLY A 422 -38.35 -14.39 -50.47
C GLY A 422 -37.01 -13.71 -50.27
N ILE A 423 -36.65 -12.83 -51.20
CA ILE A 423 -35.35 -12.07 -51.09
C ILE A 423 -35.41 -11.21 -49.83
N LEU A 424 -36.55 -10.57 -49.56
CA LEU A 424 -36.70 -9.74 -48.34
C LEU A 424 -36.60 -10.66 -47.11
N TYR A 425 -37.23 -11.83 -47.13
CA TYR A 425 -37.09 -12.67 -45.92
C TYR A 425 -35.60 -12.96 -45.73
N VAL A 426 -34.91 -13.38 -46.80
CA VAL A 426 -33.43 -13.59 -46.70
C VAL A 426 -32.78 -12.41 -45.97
N ILE A 427 -33.25 -11.17 -46.18
CA ILE A 427 -32.52 -10.00 -45.58
C ILE A 427 -32.49 -10.05 -44.05
N PRO A 428 -33.60 -10.16 -43.27
CA PRO A 428 -33.53 -10.36 -41.82
C PRO A 428 -33.22 -11.81 -41.46
N ALA A 429 -33.53 -12.77 -42.36
CA ALA A 429 -33.11 -14.15 -42.05
C ALA A 429 -31.59 -14.16 -41.88
N VAL A 430 -30.92 -13.14 -42.43
CA VAL A 430 -29.48 -13.00 -42.26
C VAL A 430 -29.16 -11.87 -41.29
N TYR A 431 -29.77 -10.70 -41.50
CA TYR A 431 -29.50 -9.53 -40.63
C TYR A 431 -29.77 -9.91 -39.17
N GLY A 432 -30.91 -10.56 -38.90
CA GLY A 432 -31.24 -10.91 -37.53
C GLY A 432 -30.31 -11.94 -36.94
N VAL A 433 -29.87 -12.91 -37.75
CA VAL A 433 -28.93 -13.91 -37.25
C VAL A 433 -27.63 -13.25 -36.82
N ILE A 434 -27.08 -12.39 -37.68
CA ILE A 434 -25.82 -11.71 -37.36
C ILE A 434 -25.99 -10.82 -36.14
N ILE A 435 -27.10 -10.10 -36.08
CA ILE A 435 -27.35 -9.20 -34.95
C ILE A 435 -27.42 -10.01 -33.66
N LEU A 436 -28.08 -11.18 -33.72
CA LEU A 436 -28.20 -12.02 -32.54
C LEU A 436 -26.83 -12.46 -32.04
N ILE A 437 -25.98 -12.95 -32.94
CA ILE A 437 -24.66 -13.41 -32.53
C ILE A 437 -23.86 -12.26 -31.92
N GLY A 438 -23.87 -11.09 -32.56
CA GLY A 438 -23.13 -9.96 -32.03
C GLY A 438 -23.63 -9.49 -30.68
N LEU A 439 -24.95 -9.44 -30.51
CA LEU A 439 -25.54 -9.05 -29.23
C LEU A 439 -25.11 -10.03 -28.14
N ILE A 440 -25.16 -11.33 -28.43
CA ILE A 440 -24.76 -12.32 -27.45
C ILE A 440 -23.32 -12.09 -27.01
N GLY A 441 -22.41 -11.97 -27.97
CA GLY A 441 -21.01 -11.79 -27.62
C GLY A 441 -20.75 -10.52 -26.82
N ASN A 442 -21.17 -9.37 -27.33
CA ASN A 442 -20.88 -8.07 -26.65
C ASN A 442 -21.50 -8.07 -25.25
N ILE A 443 -22.72 -8.60 -25.13
CA ILE A 443 -23.43 -8.60 -23.81
C ILE A 443 -22.62 -9.45 -22.83
N THR A 444 -22.06 -10.57 -23.28
CA THR A 444 -21.28 -11.46 -22.38
C THR A 444 -20.03 -10.71 -21.86
N LEU A 445 -19.37 -9.94 -22.73
CA LEU A 445 -18.19 -9.13 -22.31
C LEU A 445 -18.63 -8.08 -21.29
N ILE A 446 -19.77 -7.43 -21.52
CA ILE A 446 -20.30 -6.44 -20.54
C ILE A 446 -20.52 -7.16 -19.21
N LYS A 447 -21.12 -8.34 -19.25
CA LYS A 447 -21.39 -9.12 -18.02
C LYS A 447 -20.07 -9.38 -17.30
N ILE A 448 -19.05 -9.88 -18.01
CA ILE A 448 -17.76 -10.26 -17.37
C ILE A 448 -17.19 -9.08 -16.58
N PHE A 449 -17.19 -7.87 -17.15
CA PHE A 449 -16.52 -6.73 -16.47
C PHE A 449 -17.15 -6.44 -15.11
N CYS A 450 -18.49 -6.35 -15.06
CA CYS A 450 -19.20 -6.06 -13.78
C CYS A 450 -19.20 -7.23 -12.81
N THR A 451 -19.45 -8.46 -13.28
CA THR A 451 -19.62 -9.62 -12.35
C THR A 451 -18.35 -9.98 -11.58
N VAL A 452 -17.19 -10.04 -12.24
CA VAL A 452 -15.96 -10.52 -11.53
C VAL A 452 -15.61 -9.55 -10.41
N LYS A 453 -15.63 -8.24 -10.68
CA LYS A 453 -15.35 -7.18 -9.67
C LYS A 453 -13.84 -7.05 -9.46
N SER A 454 -13.05 -7.93 -10.07
CA SER A 454 -11.57 -7.81 -10.02
C SER A 454 -11.05 -7.71 -11.45
N MET A 455 -11.95 -7.93 -12.41
CA MET A 455 -11.56 -7.83 -13.85
C MET A 455 -11.48 -6.34 -14.21
N ARG A 456 -11.80 -5.46 -13.26
CA ARG A 456 -11.84 -4.02 -13.59
C ARG A 456 -10.42 -3.45 -13.54
N ASN A 457 -9.91 -2.97 -14.68
CA ASN A 457 -8.54 -2.38 -14.74
C ASN A 457 -8.39 -1.60 -16.04
N VAL A 458 -7.21 -1.01 -16.27
CA VAL A 458 -6.97 -0.17 -17.50
C VAL A 458 -7.30 -0.97 -18.78
N PRO A 459 -6.74 -2.17 -19.09
CA PRO A 459 -7.08 -2.83 -20.36
C PRO A 459 -8.58 -3.15 -20.48
N ASN A 460 -9.18 -3.69 -19.42
CA ASN A 460 -10.61 -4.11 -19.47
C ASN A 460 -11.53 -2.89 -19.63
N LEU A 461 -11.09 -1.70 -19.20
CA LEU A 461 -11.92 -0.47 -19.35
C LEU A 461 -12.11 -0.16 -20.83
N PHE A 462 -11.04 -0.21 -21.64
CA PHE A 462 -11.17 0.18 -23.07
C PHE A 462 -12.01 -0.87 -23.81
N ILE A 463 -11.80 -2.15 -23.52
CA ILE A 463 -12.57 -3.23 -24.20
C ILE A 463 -14.06 -3.09 -23.86
N SER A 464 -14.37 -2.77 -22.60
CA SER A 464 -15.78 -2.61 -22.16
C SER A 464 -16.44 -1.44 -22.90
N SER A 465 -15.72 -0.33 -23.07
CA SER A 465 -16.25 0.85 -23.80
C SER A 465 -16.53 0.47 -25.26
N LEU A 466 -15.62 -0.29 -25.88
CA LEU A 466 -15.82 -0.73 -27.29
C LEU A 466 -17.05 -1.63 -27.37
N ALA A 467 -17.23 -2.52 -26.40
CA ALA A 467 -18.41 -3.43 -26.38
C ALA A 467 -19.69 -2.59 -26.23
N LEU A 468 -19.65 -1.56 -25.38
CA LEU A 468 -20.82 -0.66 -25.22
C LEU A 468 -21.12 -0.01 -26.57
N GLY A 469 -20.11 0.58 -27.21
CA GLY A 469 -20.32 1.20 -28.51
C GLY A 469 -20.88 0.23 -29.53
N ASP A 470 -20.35 -0.99 -29.55
CA ASP A 470 -20.86 -2.00 -30.50
C ASP A 470 -22.29 -2.40 -30.17
N LEU A 471 -22.64 -2.45 -28.88
CA LEU A 471 -24.03 -2.71 -28.53
C LEU A 471 -24.95 -1.64 -29.09
N LEU A 472 -24.60 -0.37 -28.88
CA LEU A 472 -25.41 0.71 -29.43
C LEU A 472 -25.56 0.56 -30.94
N LEU A 473 -24.43 0.33 -31.63
CA LEU A 473 -24.49 0.19 -33.09
C LEU A 473 -25.44 -0.93 -33.49
N LEU A 474 -25.26 -2.13 -32.94
CA LEU A 474 -26.09 -3.24 -33.36
C LEU A 474 -27.56 -3.01 -33.01
N ILE A 475 -27.82 -2.51 -31.80
CA ILE A 475 -29.23 -2.35 -31.32
C ILE A 475 -29.97 -1.30 -32.15
N THR A 476 -29.31 -0.18 -32.50
CA THR A 476 -30.02 0.89 -33.18
C THR A 476 -29.87 0.85 -34.69
N CYS A 477 -28.64 0.83 -35.19
CA CYS A 477 -28.39 1.11 -36.60
C CYS A 477 -29.01 0.05 -37.51
N ALA A 478 -28.86 -1.23 -37.15
CA ALA A 478 -29.30 -2.31 -38.03
C ALA A 478 -30.83 -2.39 -38.22
N PRO A 479 -31.66 -2.35 -37.17
CA PRO A 479 -33.11 -2.47 -37.42
C PRO A 479 -33.65 -1.40 -38.32
N VAL A 480 -33.10 -0.18 -38.24
CA VAL A 480 -33.52 0.89 -39.15
C VAL A 480 -33.20 0.50 -40.58
N ASP A 481 -32.03 -0.11 -40.80
CA ASP A 481 -31.65 -0.52 -42.17
C ASP A 481 -32.62 -1.61 -42.65
N ALA A 482 -32.98 -2.54 -41.78
CA ALA A 482 -33.94 -3.61 -42.15
C ALA A 482 -35.27 -2.95 -42.52
N SER A 483 -35.69 -1.93 -41.75
CA SER A 483 -36.95 -1.20 -42.05
C SER A 483 -36.82 -0.51 -43.41
N ARG A 484 -35.65 0.07 -43.71
CA ARG A 484 -35.47 0.79 -45.00
C ARG A 484 -35.82 -0.14 -46.15
N TYR A 485 -35.17 -1.31 -46.21
CA TYR A 485 -35.43 -2.29 -47.29
C TYR A 485 -36.87 -2.83 -47.20
N LEU A 486 -37.35 -3.12 -45.99
CA LEU A 486 -38.72 -3.70 -45.84
C LEU A 486 -39.83 -2.72 -46.22
N ALA A 487 -39.73 -1.45 -45.81
CA ALA A 487 -40.85 -0.50 -46.05
C ALA A 487 -40.39 0.80 -46.74
N ASP A 488 -41.14 1.26 -47.73
CA ASP A 488 -40.80 2.52 -48.45
C ASP A 488 -41.01 3.74 -47.55
N ARG A 489 -42.10 3.75 -46.77
CA ARG A 489 -42.41 4.91 -45.89
C ARG A 489 -41.43 4.93 -44.71
N TRP A 490 -41.18 6.13 -44.15
CA TRP A 490 -40.27 6.25 -42.98
C TRP A 490 -41.12 6.15 -41.71
N LEU A 491 -40.99 5.04 -40.97
CA LEU A 491 -41.83 4.80 -39.76
C LEU A 491 -41.54 5.82 -38.66
N PHE A 492 -40.28 6.20 -38.46
CA PHE A 492 -39.90 7.07 -37.31
C PHE A 492 -40.57 8.46 -37.37
N GLY A 493 -40.68 9.06 -38.56
CA GLY A 493 -41.22 10.43 -38.65
C GLY A 493 -40.11 11.46 -38.58
N ARG A 494 -40.45 12.76 -38.52
CA ARG A 494 -39.41 13.82 -38.56
C ARG A 494 -38.53 13.80 -37.31
N ILE A 495 -39.13 13.85 -36.12
CA ILE A 495 -38.34 13.91 -34.85
C ILE A 495 -37.45 12.67 -34.82
N GLY A 496 -38.04 11.51 -35.13
CA GLY A 496 -37.30 10.26 -35.20
C GLY A 496 -36.18 10.31 -36.22
N CYS A 497 -36.42 10.93 -37.37
CA CYS A 497 -35.39 11.07 -38.39
C CYS A 497 -34.27 11.99 -37.93
N LYS A 498 -34.54 12.87 -36.96
CA LYS A 498 -33.45 13.67 -36.42
C LYS A 498 -32.76 12.96 -35.27
N LEU A 499 -33.45 12.01 -34.64
CA LEU A 499 -32.86 11.28 -33.53
C LEU A 499 -31.96 10.15 -34.00
N ILE A 500 -32.38 9.41 -35.03
CA ILE A 500 -31.69 8.17 -35.40
C ILE A 500 -30.26 8.41 -35.88
N PRO A 501 -30.00 9.30 -36.85
CA PRO A 501 -28.60 9.53 -37.24
C PRO A 501 -27.71 9.99 -36.10
N PHE A 502 -28.26 10.70 -35.12
CA PHE A 502 -27.42 11.15 -34.02
C PHE A 502 -26.92 9.98 -33.18
N ILE A 503 -27.67 8.90 -33.11
CA ILE A 503 -27.21 7.72 -32.42
C ILE A 503 -26.31 6.87 -33.32
N GLN A 504 -26.70 6.70 -34.59
CA GLN A 504 -25.88 5.91 -35.50
C GLN A 504 -24.47 6.46 -35.62
N LEU A 505 -24.32 7.75 -35.91
CA LEU A 505 -23.00 8.30 -36.13
C LEU A 505 -22.17 8.33 -34.86
N THR A 506 -22.82 8.61 -33.72
CA THR A 506 -22.10 8.61 -32.41
C THR A 506 -21.56 7.20 -32.15
N SER A 507 -22.39 6.17 -32.34
CA SER A 507 -21.98 4.77 -32.10
C SER A 507 -20.82 4.40 -33.04
N VAL A 508 -20.93 4.77 -34.31
CA VAL A 508 -19.82 4.54 -35.24
C VAL A 508 -18.55 5.20 -34.71
N GLY A 509 -18.64 6.45 -34.28
CA GLY A 509 -17.47 7.15 -33.82
C GLY A 509 -16.84 6.51 -32.60
N VAL A 510 -17.66 6.18 -31.61
CA VAL A 510 -17.13 5.56 -30.36
C VAL A 510 -16.41 4.27 -30.76
N SER A 511 -17.09 3.40 -31.50
CA SER A 511 -16.49 2.11 -31.83
C SER A 511 -15.15 2.28 -32.53
N VAL A 512 -15.16 3.05 -33.63
CA VAL A 512 -13.92 3.22 -34.46
C VAL A 512 -12.82 3.90 -33.64
N PHE A 513 -13.16 4.73 -32.65
CA PHE A 513 -12.09 5.45 -31.94
C PHE A 513 -11.58 4.71 -30.72
N THR A 514 -12.47 3.95 -30.05
CA THR A 514 -12.03 3.13 -28.90
C THR A 514 -11.13 2.01 -29.45
N LEU A 515 -11.37 1.56 -30.68
CA LEU A 515 -10.45 0.59 -31.28
C LEU A 515 -9.04 1.13 -31.36
N THR A 516 -8.89 2.38 -31.80
CA THR A 516 -7.58 3.00 -31.84
C THR A 516 -6.99 3.14 -30.44
N ALA A 517 -7.84 3.47 -29.46
CA ALA A 517 -7.37 3.55 -28.08
C ALA A 517 -6.84 2.21 -27.60
N LEU A 518 -7.56 1.12 -27.87
CA LEU A 518 -7.07 -0.21 -27.52
C LEU A 518 -5.74 -0.50 -28.20
N SER A 519 -5.61 -0.10 -29.46
CA SER A 519 -4.37 -0.41 -30.22
C SER A 519 -3.16 0.32 -29.63
N ALA A 520 -3.37 1.55 -29.11
CA ALA A 520 -2.25 2.25 -28.50
C ALA A 520 -1.96 1.76 -27.09
N ASP A 521 -3.01 1.36 -26.37
CA ASP A 521 -2.82 0.81 -25.03
C ASP A 521 -2.02 -0.50 -25.09
N ARG A 522 -2.39 -1.39 -26.02
CA ARG A 522 -1.64 -2.62 -26.22
C ARG A 522 -0.22 -2.34 -26.65
N TYR A 523 -0.02 -1.38 -27.54
CA TYR A 523 1.35 -1.07 -27.95
C TYR A 523 2.18 -0.62 -26.76
N LYS A 524 1.60 0.20 -25.90
CA LYS A 524 2.34 0.68 -24.74
C LYS A 524 2.70 -0.46 -23.82
N ALA A 525 1.76 -1.38 -23.60
CA ALA A 525 2.05 -2.50 -22.71
C ALA A 525 3.11 -3.43 -23.29
N ILE A 526 3.00 -3.77 -24.57
CA ILE A 526 3.84 -4.82 -25.14
C ILE A 526 5.22 -4.28 -25.50
N VAL A 527 5.28 -3.11 -26.11
CA VAL A 527 6.55 -2.65 -26.68
C VAL A 527 7.38 -1.91 -25.65
N ARG A 528 6.73 -1.22 -24.72
CA ARG A 528 7.42 -0.50 -23.66
C ARG A 528 6.88 -0.93 -22.31
N PRO A 529 7.32 -2.07 -21.72
CA PRO A 529 6.73 -2.55 -20.46
C PRO A 529 7.38 -1.84 -19.26
N MET A 530 7.52 -0.51 -19.35
CA MET A 530 8.15 0.28 -18.25
C MET A 530 7.12 1.28 -17.70
N ASP A 531 6.98 1.37 -16.37
CA ASP A 531 6.07 2.35 -15.72
C ASP A 531 4.65 2.19 -16.29
N ILE A 532 4.17 0.96 -16.41
CA ILE A 532 2.80 0.70 -16.95
C ILE A 532 1.77 1.36 -16.02
N GLN A 533 2.00 1.32 -14.70
CA GLN A 533 1.01 1.88 -13.74
C GLN A 533 0.86 3.38 -14.00
N ALA A 534 1.95 4.11 -14.25
CA ALA A 534 1.84 5.53 -14.64
C ALA A 534 0.96 6.34 -13.69
N SER A 535 1.17 6.19 -12.37
CA SER A 535 0.40 6.99 -11.37
C SER A 535 -1.10 6.74 -11.50
N HIS A 536 -1.90 7.81 -11.58
CA HIS A 536 -3.39 7.66 -11.63
C HIS A 536 -3.83 7.14 -13.01
N ALA A 537 -3.54 5.88 -13.32
CA ALA A 537 -3.90 5.30 -14.63
C ALA A 537 -5.41 5.12 -14.74
N LEU A 538 -6.04 4.45 -13.77
CA LEU A 538 -7.45 4.16 -13.92
C LEU A 538 -8.25 5.44 -14.19
N MET A 539 -7.92 6.52 -13.48
CA MET A 539 -8.57 7.81 -13.72
C MET A 539 -8.32 8.32 -15.14
N LYS A 540 -7.05 8.33 -15.57
CA LYS A 540 -6.74 8.75 -16.96
C LYS A 540 -7.52 7.89 -17.96
N ALA A 541 -7.56 6.57 -17.74
CA ALA A 541 -8.27 5.66 -18.66
C ALA A 541 -9.78 5.97 -18.67
N CYS A 542 -10.36 6.21 -17.50
CA CYS A 542 -11.81 6.56 -17.41
C CYS A 542 -12.03 7.88 -18.16
N LEU A 543 -11.03 8.76 -18.15
CA LEU A 543 -11.17 10.09 -18.79
C LEU A 543 -11.06 9.94 -20.32
N LYS A 544 -10.12 9.11 -20.79
CA LYS A 544 -9.91 8.95 -22.25
C LYS A 544 -11.16 8.35 -22.88
N ALA A 545 -11.81 7.40 -22.21
CA ALA A 545 -13.08 6.83 -22.71
C ALA A 545 -14.13 7.93 -22.84
N ALA A 546 -14.34 8.72 -21.79
CA ALA A 546 -15.35 9.78 -21.84
C ALA A 546 -15.01 10.83 -22.89
N PHE A 547 -13.73 11.19 -23.03
CA PHE A 547 -13.34 12.16 -24.03
C PHE A 547 -13.65 11.67 -25.44
N ILE A 548 -13.39 10.39 -25.69
CA ILE A 548 -13.75 9.79 -26.98
C ILE A 548 -15.26 9.88 -27.19
N TRP A 549 -16.03 9.59 -26.14
CA TRP A 549 -17.48 9.66 -26.28
C TRP A 549 -17.95 11.08 -26.59
N ILE A 550 -17.36 12.07 -25.94
CA ILE A 550 -17.73 13.46 -26.13
C ILE A 550 -17.40 13.90 -27.55
N ILE A 551 -16.22 13.56 -28.04
CA ILE A 551 -15.88 13.86 -29.42
C ILE A 551 -16.87 13.19 -30.38
N SER A 552 -17.28 11.97 -30.07
CA SER A 552 -18.24 11.27 -30.94
C SER A 552 -19.57 12.01 -30.98
N MET A 553 -20.03 12.50 -29.83
CA MET A 553 -21.24 13.33 -29.81
C MET A 553 -21.08 14.57 -30.67
N LEU A 554 -19.92 15.22 -30.56
CA LEU A 554 -19.67 16.48 -31.32
C LEU A 554 -19.77 16.19 -32.82
N LEU A 555 -19.14 15.13 -33.30
CA LEU A 555 -19.16 14.78 -34.75
C LEU A 555 -20.58 14.44 -35.20
N ALA A 556 -21.34 13.73 -34.38
CA ALA A 556 -22.73 13.33 -34.73
C ALA A 556 -23.65 14.57 -34.83
N ILE A 557 -23.48 15.53 -33.92
CA ILE A 557 -24.37 16.74 -33.87
C ILE A 557 -24.65 17.30 -35.29
N PRO A 558 -23.67 17.71 -36.15
CA PRO A 558 -24.02 18.24 -37.49
C PRO A 558 -24.92 17.31 -38.32
N GLU A 559 -24.91 16.01 -38.03
CA GLU A 559 -25.74 15.03 -38.78
C GLU A 559 -27.12 14.94 -38.11
N ALA A 560 -27.34 15.68 -37.03
CA ALA A 560 -28.68 15.73 -36.39
C ALA A 560 -29.27 17.10 -36.73
N VAL A 561 -28.41 18.06 -37.07
CA VAL A 561 -28.87 19.39 -37.44
C VAL A 561 -29.49 19.39 -38.84
N PHE A 562 -28.81 18.80 -39.81
CA PHE A 562 -29.19 18.87 -41.22
C PHE A 562 -30.05 17.71 -41.70
N SER A 563 -30.42 16.79 -40.81
CA SER A 563 -31.14 15.58 -41.18
C SER A 563 -32.62 15.89 -41.29
N ASP A 564 -33.22 15.62 -42.44
CA ASP A 564 -34.63 15.93 -42.59
C ASP A 564 -35.23 15.08 -43.70
N LEU A 565 -36.56 15.10 -43.78
CA LEU A 565 -37.28 14.36 -44.85
C LEU A 565 -37.17 15.19 -46.13
N HIS A 566 -36.64 14.61 -47.20
CA HIS A 566 -36.43 15.33 -48.45
C HIS A 566 -37.04 14.52 -49.60
N PRO A 567 -37.46 15.15 -50.73
CA PRO A 567 -37.99 14.40 -51.88
C PRO A 567 -36.94 13.83 -52.84
N PHE A 568 -37.11 12.60 -53.29
CA PHE A 568 -36.15 11.95 -54.21
C PHE A 568 -36.87 11.54 -55.50
N HIS A 569 -36.30 11.89 -56.65
CA HIS A 569 -36.98 11.60 -57.94
C HIS A 569 -36.30 10.42 -58.65
N GLU A 570 -36.89 9.22 -58.57
CA GLU A 570 -36.36 8.06 -59.32
C GLU A 570 -36.47 8.40 -60.81
N GLU A 571 -35.46 8.03 -61.61
CA GLU A 571 -35.52 8.27 -63.07
C GLU A 571 -36.12 7.04 -63.76
N SER A 572 -36.11 5.89 -63.07
CA SER A 572 -36.73 4.65 -63.63
C SER A 572 -38.25 4.64 -63.40
N THR A 573 -38.70 4.64 -62.15
CA THR A 573 -40.16 4.59 -61.86
C THR A 573 -40.76 6.00 -62.01
N ASN A 574 -39.91 7.01 -62.16
CA ASN A 574 -40.39 8.41 -62.35
C ASN A 574 -41.31 8.82 -61.19
N GLN A 575 -40.94 8.43 -59.95
CA GLN A 575 -41.81 8.73 -58.78
C GLN A 575 -41.03 9.59 -57.78
N THR A 576 -41.65 10.66 -57.28
CA THR A 576 -41.00 11.55 -56.28
C THR A 576 -41.38 11.09 -54.87
N PHE A 577 -40.50 10.30 -54.23
CA PHE A 577 -40.77 9.79 -52.86
C PHE A 577 -40.00 10.63 -51.85
N ILE A 578 -40.59 10.82 -50.67
CA ILE A 578 -39.97 11.61 -49.61
C ILE A 578 -39.41 10.65 -48.56
N SER A 579 -38.12 10.83 -48.26
CA SER A 579 -37.42 9.90 -47.34
C SER A 579 -36.47 10.66 -46.44
N CYS A 580 -36.11 10.08 -45.29
CA CYS A 580 -35.20 10.69 -44.35
C CYS A 580 -33.78 10.68 -44.91
N ALA A 581 -33.25 11.89 -45.13
CA ALA A 581 -31.90 12.02 -45.72
C ALA A 581 -31.03 12.94 -44.85
N PRO A 582 -29.69 12.79 -44.84
CA PRO A 582 -28.80 13.60 -44.01
C PRO A 582 -28.72 15.09 -44.37
N TYR A 583 -28.95 15.45 -45.64
CA TYR A 583 -28.77 16.87 -46.07
C TYR A 583 -29.86 17.30 -47.05
N PRO A 584 -30.19 18.62 -47.23
CA PRO A 584 -31.17 19.04 -48.23
C PRO A 584 -30.63 19.03 -49.67
N HIS A 585 -31.53 18.86 -50.65
CA HIS A 585 -31.13 18.86 -52.08
C HIS A 585 -30.57 20.23 -52.48
N SER A 586 -31.17 21.30 -51.96
CA SER A 586 -30.75 22.69 -52.32
C SER A 586 -29.22 22.79 -52.41
N ASN A 587 -28.47 22.11 -51.55
CA ASN A 587 -26.99 22.30 -51.54
C ASN A 587 -26.31 21.20 -52.36
N GLU A 588 -25.32 21.55 -53.19
CA GLU A 588 -24.69 20.54 -54.08
C GLU A 588 -23.24 20.28 -53.63
N LEU A 589 -22.73 21.07 -52.68
CA LEU A 589 -21.31 20.92 -52.25
C LEU A 589 -21.34 20.33 -50.85
N HIS A 590 -22.29 20.75 -50.03
CA HIS A 590 -22.46 20.19 -48.69
C HIS A 590 -22.52 18.67 -48.71
N PRO A 591 -23.28 18.01 -49.60
CA PRO A 591 -23.23 16.54 -49.67
C PRO A 591 -21.84 15.99 -49.87
N LYS A 592 -21.13 16.50 -50.88
CA LYS A 592 -19.83 15.97 -51.23
C LYS A 592 -18.82 16.19 -50.11
N ILE A 593 -18.82 17.40 -49.54
CA ILE A 593 -17.86 17.73 -48.44
C ILE A 593 -18.14 16.81 -47.25
N HIS A 594 -19.40 16.70 -46.84
CA HIS A 594 -19.72 15.88 -45.63
C HIS A 594 -19.33 14.42 -45.87
N SER A 595 -19.60 13.90 -47.06
CA SER A 595 -19.29 12.47 -47.35
C SER A 595 -17.78 12.24 -47.35
N MET A 596 -17.04 13.08 -48.07
CA MET A 596 -15.59 12.92 -48.14
C MET A 596 -14.93 13.10 -46.78
N ALA A 597 -15.31 14.13 -46.04
CA ALA A 597 -14.68 14.38 -44.75
C ALA A 597 -15.03 13.29 -43.74
N SER A 598 -16.28 12.83 -43.78
CA SER A 598 -16.70 11.72 -42.89
C SER A 598 -15.85 10.49 -43.21
N PHE A 599 -15.68 10.19 -44.49
CA PHE A 599 -14.84 9.05 -44.87
C PHE A 599 -13.42 9.22 -44.35
N LEU A 600 -12.82 10.38 -44.62
CA LEU A 600 -11.40 10.60 -44.24
C LEU A 600 -11.22 10.51 -42.72
N VAL A 601 -12.23 10.90 -41.94
CA VAL A 601 -12.05 10.92 -40.49
C VAL A 601 -12.48 9.62 -39.82
N PHE A 602 -13.48 8.93 -40.37
CA PHE A 602 -14.00 7.75 -39.70
C PHE A 602 -13.35 6.45 -40.16
N TYR A 603 -12.63 6.48 -41.27
CA TYR A 603 -11.96 5.26 -41.75
C TYR A 603 -10.47 5.42 -41.91
N VAL A 604 -9.99 6.46 -42.59
CA VAL A 604 -8.59 6.51 -43.00
C VAL A 604 -7.67 6.75 -41.81
N ILE A 605 -7.96 7.76 -41.00
CA ILE A 605 -7.08 8.08 -39.87
C ILE A 605 -7.06 6.97 -38.83
N PRO A 606 -8.22 6.42 -38.34
CA PRO A 606 -8.18 5.29 -37.41
C PRO A 606 -7.40 4.09 -37.97
N LEU A 607 -7.64 3.74 -39.24
CA LEU A 607 -6.95 2.58 -39.86
C LEU A 607 -5.45 2.88 -39.88
N SER A 608 -5.07 4.11 -40.23
CA SER A 608 -3.63 4.46 -40.30
C SER A 608 -2.98 4.26 -38.93
N ILE A 609 -3.66 4.70 -37.86
CA ILE A 609 -3.09 4.60 -36.51
C ILE A 609 -3.04 3.14 -36.06
N ILE A 610 -4.13 2.40 -36.26
CA ILE A 610 -4.14 1.00 -35.88
C ILE A 610 -3.08 0.21 -36.66
N SER A 611 -2.95 0.52 -37.95
CA SER A 611 -1.94 -0.16 -38.80
C SER A 611 -0.55 0.03 -38.19
N VAL A 612 -0.19 1.28 -37.87
CA VAL A 612 1.17 1.53 -37.35
C VAL A 612 1.38 0.81 -36.02
N TYR A 613 0.44 0.95 -35.10
CA TYR A 613 0.65 0.37 -33.77
C TYR A 613 0.73 -1.15 -33.83
N TYR A 614 -0.14 -1.79 -34.59
CA TYR A 614 -0.13 -3.25 -34.62
C TYR A 614 1.04 -3.80 -35.42
N TYR A 615 1.54 -3.04 -36.40
CA TYR A 615 2.77 -3.47 -37.05
C TYR A 615 3.92 -3.47 -36.06
N PHE A 616 4.03 -2.42 -35.24
CA PHE A 616 5.11 -2.39 -34.26
C PHE A 616 4.96 -3.50 -33.22
N ILE A 617 3.73 -3.75 -32.78
CA ILE A 617 3.49 -4.84 -31.83
C ILE A 617 3.96 -6.17 -32.41
N ALA A 618 3.57 -6.48 -33.64
CA ALA A 618 3.95 -7.77 -34.22
C ALA A 618 5.45 -7.87 -34.42
N LYS A 619 6.07 -6.80 -34.91
CA LYS A 619 7.55 -6.79 -35.09
C LYS A 619 8.22 -7.19 -33.78
N ASN A 620 7.89 -6.51 -32.68
CA ASN A 620 8.53 -6.80 -31.37
C ASN A 620 8.18 -8.21 -30.87
N LEU A 621 6.94 -8.65 -31.03
CA LEU A 621 6.54 -9.99 -30.50
C LEU A 621 7.34 -11.07 -31.21
N ILE A 622 7.70 -10.86 -32.48
CA ILE A 622 8.54 -11.85 -33.17
C ILE A 622 10.00 -11.70 -32.75
N GLN A 623 10.49 -10.46 -32.67
CA GLN A 623 11.86 -10.24 -32.21
C GLN A 623 12.07 -10.80 -30.81
N SER A 624 11.07 -10.66 -29.95
CA SER A 624 11.15 -11.25 -28.61
C SER A 624 11.19 -12.77 -28.68
N ALA A 625 10.42 -13.36 -29.59
CA ALA A 625 10.33 -14.84 -29.68
C ALA A 625 11.73 -15.47 -29.71
N TYR A 626 12.55 -15.15 -30.72
CA TYR A 626 13.87 -15.82 -30.87
C TYR A 626 14.91 -15.28 -29.88
N ASN A 627 14.60 -14.19 -29.19
CA ASN A 627 15.58 -13.57 -28.25
C ASN A 627 15.33 -14.08 -26.83
N LEU A 628 14.49 -15.10 -26.67
CA LEU A 628 14.14 -15.61 -25.32
C LEU A 628 15.38 -15.82 -24.45
N PRO A 629 15.49 -15.25 -23.21
CA PRO A 629 16.70 -15.39 -22.39
C PRO A 629 16.84 -16.77 -21.73
N VAL A 630 16.81 -17.84 -22.53
CA VAL A 630 16.90 -19.19 -21.97
C VAL A 630 18.04 -19.90 -22.69
N GLU A 631 18.80 -20.70 -21.95
CA GLU A 631 19.89 -21.45 -22.57
C GLU A 631 19.37 -22.61 -23.42
N GLY A 632 18.40 -23.35 -22.90
CA GLY A 632 17.82 -24.46 -23.63
C GLY A 632 16.66 -24.06 -24.50
N ASN A 633 16.86 -24.07 -25.82
CA ASN A 633 15.81 -23.63 -26.74
C ASN A 633 14.63 -24.61 -26.74
N ILE A 634 14.88 -25.88 -26.46
CA ILE A 634 13.81 -26.87 -26.49
C ILE A 634 12.77 -26.60 -25.42
N HIS A 635 13.22 -26.25 -24.21
CA HIS A 635 12.31 -26.13 -23.08
C HIS A 635 11.25 -25.07 -23.32
N VAL A 636 11.52 -24.14 -24.23
CA VAL A 636 10.62 -23.01 -24.45
C VAL A 636 9.94 -23.08 -25.80
N LYS A 637 10.02 -24.22 -26.51
CA LYS A 637 9.48 -24.27 -27.87
C LYS A 637 8.05 -23.77 -27.92
N LYS A 638 7.20 -24.32 -27.04
CA LYS A 638 5.80 -23.90 -27.00
C LYS A 638 5.69 -22.39 -26.91
N GLN A 639 6.41 -21.78 -25.97
CA GLN A 639 6.30 -20.33 -25.79
C GLN A 639 6.62 -19.61 -27.08
N ILE A 640 7.71 -20.00 -27.75
CA ILE A 640 8.05 -19.32 -28.99
C ILE A 640 6.89 -19.40 -29.97
N GLU A 641 6.32 -20.59 -30.15
CA GLU A 641 5.20 -20.72 -31.05
C GLU A 641 4.11 -19.73 -30.70
N SER A 642 3.75 -19.66 -29.41
CA SER A 642 2.67 -18.78 -29.01
C SER A 642 2.96 -17.34 -29.40
N ARG A 643 4.18 -16.87 -29.17
CA ARG A 643 4.51 -15.51 -29.57
C ARG A 643 4.34 -15.34 -31.06
N LYS A 644 4.87 -16.28 -31.84
CA LYS A 644 4.74 -16.18 -33.30
C LYS A 644 3.27 -16.21 -33.70
N ARG A 645 2.40 -16.85 -32.92
CA ARG A 645 0.95 -16.83 -33.24
C ARG A 645 0.33 -15.45 -32.93
N LEU A 646 0.74 -14.83 -31.83
CA LEU A 646 0.12 -13.53 -31.42
C LEU A 646 0.36 -12.49 -32.50
N ALA A 647 1.54 -12.48 -33.11
CA ALA A 647 1.85 -11.46 -34.14
C ALA A 647 0.87 -11.60 -35.31
N LYS A 648 0.67 -12.82 -35.79
CA LYS A 648 -0.23 -13.07 -36.94
C LYS A 648 -1.65 -12.63 -36.60
N THR A 649 -2.13 -12.93 -35.39
CA THR A 649 -3.51 -12.57 -35.00
C THR A 649 -3.68 -11.04 -35.00
N VAL A 650 -2.69 -10.29 -34.51
CA VAL A 650 -2.73 -8.80 -34.50
C VAL A 650 -2.74 -8.25 -35.94
N LEU A 651 -1.93 -8.84 -36.81
CA LEU A 651 -2.00 -8.41 -38.22
C LEU A 651 -3.39 -8.72 -38.83
N VAL A 652 -4.00 -9.85 -38.47
CA VAL A 652 -5.37 -10.20 -38.95
C VAL A 652 -6.37 -9.18 -38.41
N PHE A 653 -6.23 -8.74 -37.16
CA PHE A 653 -7.10 -7.68 -36.59
C PHE A 653 -6.96 -6.41 -37.44
N VAL A 654 -5.75 -6.05 -37.87
CA VAL A 654 -5.67 -4.86 -38.79
C VAL A 654 -6.41 -5.08 -40.12
N GLY A 655 -6.48 -6.29 -40.68
CA GLY A 655 -7.08 -6.57 -41.98
C GLY A 655 -8.58 -6.62 -41.92
N LEU A 656 -9.14 -7.33 -40.95
CA LEU A 656 -10.59 -7.41 -40.83
C LEU A 656 -11.20 -6.02 -40.78
N PHE A 657 -10.70 -5.17 -39.88
CA PHE A 657 -11.30 -3.85 -39.72
C PHE A 657 -11.25 -3.09 -41.04
N ALA A 658 -10.16 -3.24 -41.79
CA ALA A 658 -10.10 -2.55 -43.08
C ALA A 658 -11.17 -3.08 -44.01
N PHE A 659 -11.22 -4.40 -44.18
CA PHE A 659 -12.11 -5.00 -45.16
C PHE A 659 -13.53 -4.54 -44.91
N CYS A 660 -14.05 -4.82 -43.71
CA CYS A 660 -15.44 -4.51 -43.39
C CYS A 660 -15.76 -3.03 -43.61
N TRP A 661 -14.82 -2.13 -43.32
CA TRP A 661 -15.21 -0.73 -43.39
C TRP A 661 -14.96 -0.12 -44.76
N LEU A 662 -14.46 -0.88 -45.73
CA LEU A 662 -14.23 -0.26 -47.03
C LEU A 662 -15.50 -0.18 -47.88
N PRO A 663 -16.33 -1.23 -48.07
CA PRO A 663 -17.49 -1.12 -48.96
C PRO A 663 -18.59 -0.15 -48.46
N ASN A 664 -18.81 -0.10 -47.15
CA ASN A 664 -19.80 0.85 -46.57
C ASN A 664 -19.33 2.28 -46.86
N HIS A 665 -18.04 2.54 -46.70
CA HIS A 665 -17.49 3.90 -46.93
C HIS A 665 -17.38 4.17 -48.43
N VAL A 666 -17.54 3.12 -49.26
CA VAL A 666 -17.53 3.30 -50.74
C VAL A 666 -18.97 3.52 -51.23
N ILE A 667 -19.91 2.68 -50.79
CA ILE A 667 -21.33 2.82 -51.24
C ILE A 667 -21.86 4.18 -50.78
N TYR A 668 -21.67 4.55 -49.52
CA TYR A 668 -22.13 5.86 -49.00
C TYR A 668 -21.55 6.99 -49.86
N LEU A 669 -20.22 7.02 -50.04
CA LEU A 669 -19.58 8.08 -50.78
C LEU A 669 -20.19 8.19 -52.17
N TYR A 670 -20.29 7.04 -52.86
CA TYR A 670 -20.86 7.01 -54.23
C TYR A 670 -22.27 7.62 -54.25
N ARG A 671 -23.14 7.18 -53.33
CA ARG A 671 -24.55 7.67 -53.29
C ARG A 671 -24.54 9.17 -53.02
N SER A 672 -23.62 9.65 -52.17
CA SER A 672 -23.55 11.09 -51.83
C SER A 672 -23.02 11.94 -53.00
N TYR A 673 -22.16 11.38 -53.84
CA TYR A 673 -21.70 12.17 -55.03
C TYR A 673 -22.86 12.25 -56.02
N HIS A 674 -23.46 11.10 -56.38
CA HIS A 674 -24.67 11.12 -57.25
C HIS A 674 -25.87 11.28 -56.32
N TYR A 675 -26.02 12.44 -55.68
CA TYR A 675 -27.12 12.63 -54.68
C TYR A 675 -28.45 12.87 -55.39
N SER A 676 -28.49 13.85 -56.29
CA SER A 676 -29.75 14.18 -57.00
C SER A 676 -30.36 12.91 -57.58
N GLU A 677 -29.57 12.15 -58.36
CA GLU A 677 -30.12 10.95 -59.04
C GLU A 677 -30.27 9.79 -58.05
N VAL A 678 -31.31 8.97 -58.23
CA VAL A 678 -31.51 7.78 -57.36
C VAL A 678 -31.24 6.54 -58.22
N ASP A 679 -30.34 5.66 -57.79
CA ASP A 679 -29.96 4.48 -58.63
C ASP A 679 -30.62 3.21 -58.10
N THR A 680 -31.65 2.71 -58.78
CA THR A 680 -32.24 1.45 -58.37
C THR A 680 -31.87 0.39 -59.40
N SER A 681 -30.92 -0.47 -59.04
CA SER A 681 -30.48 -1.54 -59.93
C SER A 681 -30.06 -2.71 -59.09
N MET A 682 -29.96 -3.87 -59.74
CA MET A 682 -29.64 -5.10 -59.01
C MET A 682 -28.23 -5.03 -58.42
N LEU A 683 -27.28 -4.52 -59.20
CA LEU A 683 -25.92 -4.34 -58.70
C LEU A 683 -25.91 -3.51 -57.43
N HIS A 684 -26.57 -2.35 -57.47
CA HIS A 684 -26.57 -1.45 -56.31
C HIS A 684 -27.29 -2.10 -55.14
N PHE A 685 -28.38 -2.82 -55.39
CA PHE A 685 -29.12 -3.46 -54.32
C PHE A 685 -28.24 -4.47 -53.58
N VAL A 686 -27.62 -5.39 -54.32
CA VAL A 686 -26.83 -6.44 -53.68
C VAL A 686 -25.59 -5.85 -53.03
N THR A 687 -24.94 -4.89 -53.70
CA THR A 687 -23.71 -4.28 -53.12
C THR A 687 -24.07 -3.55 -51.83
N SER A 688 -25.22 -2.87 -51.78
CA SER A 688 -25.59 -2.10 -50.57
C SER A 688 -25.80 -3.07 -49.39
N ILE A 689 -26.52 -4.17 -49.63
CA ILE A 689 -26.80 -5.16 -48.56
C ILE A 689 -25.47 -5.75 -48.07
N CYS A 690 -24.57 -6.10 -49.01
CA CYS A 690 -23.28 -6.73 -48.63
C CYS A 690 -22.45 -5.77 -47.80
N ALA A 691 -22.41 -4.49 -48.18
CA ALA A 691 -21.62 -3.48 -47.45
C ALA A 691 -22.16 -3.35 -46.03
N ARG A 692 -23.48 -3.39 -45.87
CA ARG A 692 -24.06 -3.18 -44.52
C ARG A 692 -23.83 -4.42 -43.66
N LEU A 693 -23.82 -5.62 -44.25
CA LEU A 693 -23.54 -6.85 -43.46
C LEU A 693 -22.07 -6.83 -43.03
N LEU A 694 -21.16 -6.47 -43.93
CA LEU A 694 -19.71 -6.46 -43.62
C LEU A 694 -19.43 -5.43 -42.52
N ALA A 695 -20.04 -4.24 -42.62
CA ALA A 695 -19.77 -3.18 -41.63
C ALA A 695 -20.25 -3.63 -40.24
N PHE A 696 -21.40 -4.29 -40.18
CA PHE A 696 -21.95 -4.74 -38.87
C PHE A 696 -21.11 -5.92 -38.35
N THR A 697 -20.48 -6.66 -39.26
CA THR A 697 -19.68 -7.84 -38.83
C THR A 697 -18.53 -7.42 -37.93
N ASN A 698 -18.04 -6.18 -38.07
CA ASN A 698 -16.86 -5.74 -37.28
C ASN A 698 -17.20 -5.78 -35.79
N SER A 699 -18.42 -5.38 -35.42
CA SER A 699 -18.83 -5.35 -33.99
C SER A 699 -18.72 -6.74 -33.35
N CYS A 700 -18.96 -7.81 -34.12
CA CYS A 700 -18.92 -9.19 -33.59
C CYS A 700 -17.52 -9.80 -33.72
N VAL A 701 -16.70 -9.38 -34.70
CA VAL A 701 -15.31 -9.92 -34.76
C VAL A 701 -14.45 -9.29 -33.66
N ASN A 702 -14.89 -8.17 -33.07
CA ASN A 702 -14.08 -7.48 -32.02
C ASN A 702 -13.94 -8.38 -30.78
N PRO A 703 -14.97 -8.66 -29.97
CA PRO A 703 -14.83 -9.58 -28.82
C PRO A 703 -14.55 -11.05 -29.16
N PHE A 704 -15.17 -11.60 -30.20
CA PHE A 704 -15.04 -13.06 -30.50
C PHE A 704 -13.60 -13.45 -30.82
N ALA A 705 -12.82 -12.54 -31.41
CA ALA A 705 -11.40 -12.83 -31.75
C ALA A 705 -10.55 -12.87 -30.47
N LEU A 706 -10.77 -11.94 -29.54
CA LEU A 706 -10.05 -12.01 -28.24
C LEU A 706 -10.49 -13.28 -27.54
N TYR A 707 -11.76 -13.68 -27.68
CA TYR A 707 -12.22 -14.97 -27.09
C TYR A 707 -11.27 -16.09 -27.50
N LEU A 708 -10.97 -16.20 -28.80
CA LEU A 708 -10.07 -17.27 -29.31
C LEU A 708 -8.65 -17.09 -28.77
N LEU A 709 -8.16 -15.85 -28.69
CA LEU A 709 -6.75 -15.61 -28.27
C LEU A 709 -6.48 -16.13 -26.86
N SER A 710 -7.42 -15.99 -25.92
CA SER A 710 -7.11 -16.39 -24.53
C SER A 710 -7.94 -17.57 -24.03
N LYS A 711 -7.30 -18.47 -23.27
CA LYS A 711 -8.01 -19.66 -22.70
C LYS A 711 -8.63 -19.26 -21.35
N SER A 712 -7.96 -18.38 -20.59
CA SER A 712 -8.55 -17.91 -19.34
C SER A 712 -9.77 -17.05 -19.60
N PHE A 713 -9.69 -16.16 -20.58
CA PHE A 713 -10.85 -15.37 -20.94
C PHE A 713 -11.94 -16.24 -21.52
N ARG A 714 -11.54 -17.33 -22.19
CA ARG A 714 -12.53 -18.31 -22.72
C ARG A 714 -13.25 -18.93 -21.53
N LYS A 715 -12.51 -19.29 -20.48
CA LYS A 715 -13.12 -19.90 -19.27
C LYS A 715 -14.09 -18.90 -18.63
N GLN A 716 -13.68 -17.63 -18.55
CA GLN A 716 -14.57 -16.58 -17.96
C GLN A 716 -15.80 -16.43 -18.85
N PHE A 717 -15.61 -16.38 -20.17
CA PHE A 717 -16.74 -16.19 -21.12
C PHE A 717 -17.77 -17.31 -20.91
N ASN A 718 -17.30 -18.57 -20.89
CA ASN A 718 -18.21 -19.73 -20.77
C ASN A 718 -18.94 -19.67 -19.42
N THR A 719 -18.25 -19.22 -18.37
CA THR A 719 -18.89 -19.07 -17.03
C THR A 719 -20.04 -18.07 -17.15
N GLN A 720 -19.80 -16.92 -17.77
CA GLN A 720 -20.84 -15.87 -17.91
C GLN A 720 -22.01 -16.42 -18.74
N LEU A 721 -21.70 -17.18 -19.80
CA LEU A 721 -22.77 -17.82 -20.62
C LEU A 721 -23.57 -18.77 -19.73
N CYS B 3 -17.11 23.10 8.45
CA CYS B 3 -17.88 24.15 9.11
C CYS B 3 -18.09 23.83 10.59
N THR B 4 -18.37 22.57 10.91
CA THR B 4 -18.51 22.16 12.29
C THR B 4 -17.17 21.95 12.98
N LEU B 5 -16.08 21.95 12.22
CA LEU B 5 -14.75 21.80 12.79
C LEU B 5 -14.28 23.09 13.45
N SER B 6 -13.39 22.97 14.43
CA SER B 6 -12.78 24.17 15.09
C SER B 6 -11.53 24.64 14.33
N ALA B 7 -10.88 25.70 14.81
CA ALA B 7 -9.70 26.25 14.11
C ALA B 7 -8.53 25.27 14.15
N GLU B 8 -8.37 24.56 15.28
CA GLU B 8 -7.26 23.59 15.44
C GLU B 8 -7.60 22.28 14.72
N ASP B 9 -8.86 21.85 14.73
CA ASP B 9 -9.27 20.68 13.97
C ASP B 9 -8.98 20.84 12.48
N LYS B 10 -9.22 22.04 11.95
CA LYS B 10 -8.90 22.28 10.54
C LYS B 10 -7.40 22.23 10.30
N ALA B 11 -6.61 22.74 11.23
CA ALA B 11 -5.17 22.63 11.07
C ALA B 11 -4.70 21.18 11.15
N ALA B 12 -5.34 20.36 11.99
CA ALA B 12 -5.03 18.94 12.02
C ALA B 12 -5.37 18.25 10.72
N VAL B 13 -6.51 18.59 10.11
CA VAL B 13 -6.87 18.00 8.83
C VAL B 13 -5.88 18.40 7.75
N GLU B 14 -5.34 19.62 7.83
CA GLU B 14 -4.37 20.09 6.83
C GLU B 14 -3.09 19.26 6.96
N ARG B 15 -2.71 18.89 8.19
CA ARG B 15 -1.52 18.03 8.43
C ARG B 15 -1.75 16.63 7.87
N SER B 16 -2.92 16.04 8.10
CA SER B 16 -3.25 14.70 7.56
C SER B 16 -3.28 14.74 6.04
N LYS B 17 -3.59 15.89 5.42
CA LYS B 17 -3.54 15.95 3.96
C LYS B 17 -2.11 16.04 3.45
N MET B 18 -1.25 16.82 4.13
CA MET B 18 0.15 16.83 3.72
C MET B 18 0.79 15.46 3.90
N ILE B 19 0.44 14.77 4.99
CA ILE B 19 0.98 13.42 5.20
C ILE B 19 0.53 12.48 4.09
N ASP B 20 -0.73 12.56 3.68
CA ASP B 20 -1.21 11.74 2.56
C ASP B 20 -0.45 12.04 1.28
N ARG B 21 -0.20 13.31 1.00
CA ARG B 21 0.59 13.64 -0.18
C ARG B 21 1.97 13.00 -0.12
N ASN B 22 2.61 13.05 1.05
CA ASN B 22 3.95 12.46 1.17
C ASN B 22 3.93 10.95 1.01
N LEU B 23 2.90 10.30 1.55
CA LEU B 23 2.75 8.86 1.35
C LEU B 23 2.59 8.50 -0.12
N ARG B 24 1.76 9.26 -0.84
CA ARG B 24 1.58 8.97 -2.26
C ARG B 24 2.87 9.16 -3.03
N GLU B 25 3.63 10.21 -2.73
CA GLU B 25 4.89 10.42 -3.44
C GLU B 25 5.88 9.30 -3.14
N ASP B 26 5.92 8.83 -1.87
CA ASP B 26 6.78 7.70 -1.54
C ASP B 26 6.36 6.44 -2.28
N GLY B 27 5.06 6.20 -2.40
CA GLY B 27 4.61 5.02 -3.14
C GLY B 27 4.97 5.10 -4.62
N GLU B 28 4.83 6.27 -5.22
CA GLU B 28 5.29 6.44 -6.59
C GLU B 28 6.77 6.11 -6.70
N LYS B 29 7.58 6.61 -5.78
CA LYS B 29 9.00 6.29 -5.81
C LYS B 29 9.25 4.80 -5.61
N ALA B 30 8.45 4.15 -4.77
CA ALA B 30 8.70 2.74 -4.40
C ALA B 30 8.42 1.77 -5.57
N ARG B 31 7.34 2.00 -6.32
CA ARG B 31 6.91 1.03 -7.36
C ARG B 31 7.88 1.01 -8.54
N ARG B 32 8.69 2.06 -8.70
CA ARG B 32 9.70 2.10 -9.79
C ARG B 32 10.85 1.17 -9.43
N GLU B 33 10.83 0.58 -8.22
CA GLU B 33 11.87 -0.40 -7.82
C GLU B 33 11.31 -1.82 -7.93
N LEU B 34 12.11 -2.76 -8.42
CA LEU B 34 11.70 -4.14 -8.64
C LEU B 34 12.47 -5.04 -7.68
N LYS B 35 11.74 -5.89 -6.97
CA LYS B 35 12.31 -6.72 -5.91
C LYS B 35 12.69 -8.07 -6.47
N LEU B 36 13.97 -8.43 -6.37
CA LEU B 36 14.48 -9.73 -6.76
C LEU B 36 14.94 -10.49 -5.52
N LEU B 37 14.39 -11.67 -5.31
CA LEU B 37 14.69 -12.46 -4.12
C LEU B 37 15.73 -13.53 -4.45
N LEU B 38 16.94 -13.38 -3.92
CA LEU B 38 18.01 -14.34 -4.14
C LEU B 38 17.92 -15.43 -3.09
N LEU B 39 17.72 -16.67 -3.50
CA LEU B 39 17.54 -17.75 -2.53
C LEU B 39 18.89 -18.35 -2.16
N GLY B 40 19.04 -18.67 -0.88
CA GLY B 40 20.29 -19.17 -0.34
C GLY B 40 20.47 -20.67 -0.43
N THR B 41 21.38 -21.11 -1.31
CA THR B 41 21.77 -22.50 -1.41
C THR B 41 23.14 -22.69 -0.77
N GLY B 42 23.71 -23.88 -1.00
CA GLY B 42 25.07 -24.14 -0.50
C GLY B 42 26.06 -23.28 -1.26
N GLU B 43 25.83 -23.08 -2.56
CA GLU B 43 26.72 -22.18 -3.35
C GLU B 43 26.56 -20.76 -2.82
N SER B 44 25.33 -20.36 -2.51
CA SER B 44 25.07 -19.00 -1.99
C SER B 44 25.56 -18.92 -0.53
N GLY B 45 25.55 -20.04 0.20
CA GLY B 45 26.08 -20.00 1.55
C GLY B 45 27.56 -19.70 1.58
N LYS B 46 28.31 -20.22 0.61
CA LYS B 46 29.73 -19.90 0.51
C LYS B 46 29.95 -18.39 0.30
N SER B 47 29.12 -17.78 -0.55
CA SER B 47 29.07 -16.32 -0.70
C SER B 47 30.38 -15.74 -1.21
N THR B 48 31.01 -16.39 -2.19
CA THR B 48 32.14 -15.82 -2.90
C THR B 48 31.72 -15.22 -4.24
N PHE B 49 30.68 -15.79 -4.85
CA PHE B 49 30.22 -15.32 -6.13
C PHE B 49 29.71 -13.89 -6.02
N ILE B 50 29.04 -13.57 -4.92
CA ILE B 50 28.51 -12.22 -4.73
C ILE B 50 29.66 -11.21 -4.62
N LYS B 51 30.73 -11.58 -3.91
CA LYS B 51 31.90 -10.71 -3.81
C LYS B 51 32.52 -10.48 -5.18
N GLN B 52 32.73 -11.55 -5.94
CA GLN B 52 33.36 -11.40 -7.26
C GLN B 52 32.48 -10.56 -8.19
N MET B 53 31.17 -10.82 -8.18
CA MET B 53 30.27 -10.00 -9.02
C MET B 53 30.37 -8.53 -8.57
N ARG B 54 30.57 -8.29 -7.28
CA ARG B 54 30.74 -6.90 -6.77
C ARG B 54 32.01 -6.28 -7.36
N ILE B 55 33.10 -7.05 -7.40
CA ILE B 55 34.35 -6.53 -8.00
C ILE B 55 34.06 -6.10 -9.45
N ILE B 56 33.21 -6.87 -10.14
CA ILE B 56 32.89 -6.59 -11.57
C ILE B 56 32.18 -5.23 -11.65
N HIS B 57 31.29 -4.96 -10.70
CA HIS B 57 30.54 -3.67 -10.68
C HIS B 57 31.55 -2.52 -10.55
N GLY B 58 32.58 -2.69 -9.72
CA GLY B 58 33.62 -1.65 -9.57
C GLY B 58 33.93 -1.39 -8.10
N SER B 59 33.05 -1.83 -7.20
CA SER B 59 33.26 -1.62 -5.75
C SER B 59 34.48 -2.43 -5.30
N GLY B 60 35.33 -1.88 -4.43
CA GLY B 60 36.56 -2.57 -4.01
C GLY B 60 36.74 -2.58 -2.51
N TYR B 61 37.96 -2.80 -2.04
CA TYR B 61 38.23 -2.82 -0.61
C TYR B 61 39.36 -1.84 -0.28
N SER B 62 39.11 -1.02 0.72
CA SER B 62 40.16 -0.20 1.31
C SER B 62 40.94 -1.06 2.30
N ASP B 63 42.01 -0.49 2.85
CA ASP B 63 42.80 -1.24 3.81
C ASP B 63 41.96 -1.63 5.02
N GLU B 64 41.11 -0.72 5.50
CA GLU B 64 40.23 -1.04 6.61
C GLU B 64 39.43 -2.31 6.36
N ASP B 65 38.83 -2.44 5.18
CA ASP B 65 38.04 -3.62 4.87
C ASP B 65 38.89 -4.89 4.93
N LYS B 66 40.14 -4.81 4.44
CA LYS B 66 41.00 -5.99 4.44
C LYS B 66 41.48 -6.36 5.85
N ARG B 67 41.75 -5.36 6.71
CA ARG B 67 41.93 -5.67 8.12
C ARG B 67 40.69 -6.32 8.70
N GLY B 68 39.52 -6.03 8.13
CA GLY B 68 38.34 -6.77 8.52
C GLY B 68 38.46 -8.27 8.25
N PHE B 69 39.06 -8.63 7.10
CA PHE B 69 39.10 -10.02 6.67
C PHE B 69 40.36 -10.77 7.08
N THR B 70 41.35 -10.09 7.67
CA THR B 70 42.52 -10.83 8.16
C THR B 70 42.10 -12.01 9.03
N LYS B 71 41.44 -11.71 10.16
CA LYS B 71 41.06 -12.75 11.12
C LYS B 71 40.28 -13.85 10.44
N LEU B 72 39.44 -13.51 9.46
CA LEU B 72 38.67 -14.52 8.78
C LEU B 72 39.56 -15.44 7.97
N VAL B 73 40.58 -14.88 7.33
CA VAL B 73 41.56 -15.71 6.58
C VAL B 73 42.13 -16.75 7.54
N TYR B 74 42.73 -16.32 8.66
CA TYR B 74 43.39 -17.28 9.58
C TYR B 74 42.37 -18.30 10.07
N GLN B 75 41.17 -17.82 10.41
CA GLN B 75 40.10 -18.73 10.90
C GLN B 75 39.82 -19.79 9.82
N ASN B 76 39.92 -19.42 8.53
CA ASN B 76 39.65 -20.39 7.47
C ASN B 76 40.72 -21.46 7.38
N ILE B 77 42.00 -21.08 7.52
CA ILE B 77 43.03 -22.12 7.49
C ILE B 77 42.75 -23.19 8.54
N PHE B 78 42.47 -22.76 9.77
CA PHE B 78 42.18 -23.72 10.82
C PHE B 78 40.95 -24.55 10.52
N THR B 79 39.87 -23.91 10.06
CA THR B 79 38.63 -24.64 9.82
C THR B 79 38.82 -25.74 8.78
N ALA B 80 39.48 -25.39 7.68
CA ALA B 80 39.76 -26.37 6.65
C ALA B 80 40.59 -27.51 7.20
N MET B 81 41.67 -27.18 7.92
CA MET B 81 42.60 -28.22 8.42
C MET B 81 41.86 -29.15 9.37
N GLN B 82 41.08 -28.60 10.30
CA GLN B 82 40.37 -29.45 11.30
C GLN B 82 39.39 -30.38 10.58
N ASP B 140 43.36 -34.81 -2.19
CA ASP B 140 42.96 -35.22 -3.53
C ASP B 140 41.51 -35.68 -3.54
N ARG B 141 41.05 -36.25 -2.44
CA ARG B 141 39.68 -36.73 -2.31
C ARG B 141 38.78 -35.70 -1.62
N ARG B 142 38.68 -34.50 -2.22
CA ARG B 142 37.79 -33.48 -1.67
C ARG B 142 36.33 -33.89 -1.75
N ARG B 143 35.94 -34.56 -2.83
CA ARG B 143 34.51 -34.71 -3.11
C ARG B 143 33.80 -35.56 -2.07
N GLU B 144 34.55 -36.37 -1.33
CA GLU B 144 33.89 -37.26 -0.37
C GLU B 144 33.57 -36.55 0.93
N TYR B 145 34.14 -35.36 1.16
CA TYR B 145 33.88 -34.66 2.42
C TYR B 145 33.69 -33.16 2.18
N GLN B 146 33.37 -32.42 3.23
CA GLN B 146 33.10 -31.00 3.13
C GLN B 146 34.37 -30.20 3.37
N LEU B 147 34.74 -29.38 2.39
CA LEU B 147 35.99 -28.65 2.48
C LEU B 147 35.85 -27.35 1.71
N SER B 148 36.61 -26.34 2.11
CA SER B 148 36.64 -25.09 1.37
C SER B 148 37.21 -25.30 -0.02
N ASP B 149 36.68 -24.56 -0.99
CA ASP B 149 37.16 -24.67 -2.36
C ASP B 149 38.58 -24.15 -2.50
N SER B 150 39.01 -23.28 -1.58
CA SER B 150 40.26 -22.54 -1.71
C SER B 150 41.32 -22.99 -0.73
N THR B 151 41.25 -24.23 -0.28
CA THR B 151 42.23 -24.71 0.71
C THR B 151 43.63 -24.76 0.13
N LYS B 152 43.76 -25.22 -1.12
CA LYS B 152 45.07 -25.34 -1.72
C LYS B 152 45.78 -23.99 -1.82
N TYR B 153 45.05 -22.95 -2.25
CA TYR B 153 45.66 -21.65 -2.45
C TYR B 153 46.17 -21.10 -1.12
N TYR B 154 45.38 -21.24 -0.05
CA TYR B 154 45.82 -20.76 1.26
C TYR B 154 47.00 -21.57 1.77
N LEU B 155 46.86 -22.90 1.79
CA LEU B 155 47.93 -23.75 2.38
C LEU B 155 49.22 -23.68 1.56
N ASN B 156 49.13 -23.41 0.26
CA ASN B 156 50.36 -23.22 -0.56
C ASN B 156 51.09 -21.96 -0.08
N PRO B 168 45.89 -8.75 3.78
CA PRO B 168 45.31 -9.67 2.80
C PRO B 168 45.22 -9.03 1.43
N THR B 169 45.51 -9.82 0.39
CA THR B 169 45.36 -9.31 -0.99
C THR B 169 43.87 -9.32 -1.35
N GLN B 170 43.51 -8.77 -2.52
CA GLN B 170 42.09 -8.78 -2.95
C GLN B 170 41.63 -10.23 -3.10
N GLN B 171 42.50 -11.10 -3.61
CA GLN B 171 42.14 -12.53 -3.80
C GLN B 171 41.82 -13.17 -2.44
N ASP B 172 42.70 -12.97 -1.43
CA ASP B 172 42.43 -13.52 -0.11
C ASP B 172 41.10 -13.04 0.43
N VAL B 173 40.75 -11.78 0.17
CA VAL B 173 39.47 -11.23 0.61
C VAL B 173 38.32 -11.96 -0.06
N LEU B 174 38.47 -12.30 -1.34
CA LEU B 174 37.37 -12.86 -2.11
C LEU B 174 36.94 -14.22 -1.57
N ARG B 175 37.88 -15.05 -1.16
CA ARG B 175 37.57 -16.44 -0.83
C ARG B 175 37.54 -16.73 0.67
N VAL B 176 37.03 -15.79 1.48
CA VAL B 176 36.78 -16.10 2.88
C VAL B 176 35.31 -16.46 3.06
N GLN B 177 35.01 -17.75 3.05
CA GLN B 177 33.64 -18.20 3.14
C GLN B 177 33.04 -17.86 4.50
N VAL B 178 32.10 -16.91 4.51
CA VAL B 178 31.54 -16.43 5.80
C VAL B 178 30.02 -16.54 5.79
N PRO B 179 29.39 -17.09 6.84
CA PRO B 179 27.92 -17.09 6.94
C PRO B 179 27.41 -15.68 7.24
N THR B 180 26.17 -15.35 6.85
CA THR B 180 25.67 -13.95 7.01
C THR B 180 24.57 -13.87 8.07
N THR B 181 24.51 -12.78 8.84
CA THR B 181 23.53 -12.64 9.96
C THR B 181 22.06 -12.48 9.53
N GLY B 182 21.76 -11.64 8.53
CA GLY B 182 20.34 -11.39 8.22
C GLY B 182 20.10 -10.82 6.83
N ILE B 183 18.89 -10.29 6.56
CA ILE B 183 18.55 -9.85 5.19
C ILE B 183 19.56 -8.80 4.73
N ILE B 184 20.27 -9.07 3.65
CA ILE B 184 21.17 -8.06 3.09
C ILE B 184 20.64 -7.66 1.72
N GLU B 185 20.59 -6.37 1.46
CA GLU B 185 19.97 -5.84 0.26
C GLU B 185 21.02 -5.11 -0.57
N TYR B 186 21.03 -5.40 -1.86
CA TYR B 186 21.96 -4.76 -2.78
C TYR B 186 21.17 -3.96 -3.81
N PRO B 187 21.30 -2.66 -3.85
CA PRO B 187 20.59 -1.87 -4.85
C PRO B 187 21.43 -1.68 -6.09
N PHE B 188 20.88 -1.92 -7.27
CA PHE B 188 21.61 -1.68 -8.50
C PHE B 188 20.69 -1.06 -9.54
N ASP B 189 21.21 -0.11 -10.33
CA ASP B 189 20.37 0.58 -11.33
C ASP B 189 20.83 0.29 -12.77
N LEU B 190 19.93 -0.19 -13.62
CA LEU B 190 20.29 -0.38 -15.06
C LEU B 190 19.24 0.25 -15.96
N GLN B 191 19.67 0.98 -17.01
CA GLN B 191 18.77 1.57 -18.04
C GLN B 191 17.55 2.25 -17.42
N SER B 192 17.73 3.06 -16.37
CA SER B 192 16.62 3.84 -15.74
C SER B 192 15.72 2.93 -14.93
N VAL B 193 16.08 1.66 -14.80
CA VAL B 193 15.29 0.75 -13.92
C VAL B 193 16.18 0.38 -12.74
N ILE B 194 15.71 0.59 -11.52
CA ILE B 194 16.48 0.24 -10.33
C ILE B 194 15.87 -1.00 -9.72
N PHE B 195 16.73 -1.96 -9.35
CA PHE B 195 16.32 -3.19 -8.71
C PHE B 195 16.96 -3.29 -7.34
N ARG B 196 16.33 -4.07 -6.49
CA ARG B 196 16.88 -4.46 -5.19
C ARG B 196 17.01 -5.96 -5.15
N MET B 197 18.22 -6.45 -4.92
CA MET B 197 18.48 -7.88 -4.74
C MET B 197 18.45 -8.13 -3.24
N VAL B 198 17.44 -8.87 -2.78
CA VAL B 198 17.26 -9.16 -1.37
C VAL B 198 17.84 -10.55 -1.11
N ASP B 199 19.06 -10.62 -0.59
CA ASP B 199 19.68 -11.94 -0.24
C ASP B 199 19.12 -12.45 1.09
N VAL B 200 18.42 -13.58 1.08
CA VAL B 200 17.82 -14.16 2.32
C VAL B 200 18.58 -15.42 2.74
N GLY B 201 19.80 -15.60 2.27
CA GLY B 201 20.57 -16.83 2.56
C GLY B 201 20.93 -17.05 4.02
N GLY B 202 21.28 -16.00 4.75
CA GLY B 202 21.77 -16.15 6.14
C GLY B 202 20.69 -16.10 7.20
N LEU B 203 19.42 -16.17 6.80
CA LEU B 203 18.36 -16.01 7.81
C LEU B 203 18.43 -17.14 8.84
N ARG B 204 18.50 -18.40 8.42
CA ARG B 204 18.68 -19.54 9.37
C ARG B 204 17.52 -19.67 10.35
N SER B 205 16.30 -19.31 9.91
CA SER B 205 15.10 -19.46 10.77
C SER B 205 13.98 -20.10 9.94
N GLU B 206 12.96 -20.68 10.58
CA GLU B 206 11.86 -21.33 9.89
C GLU B 206 11.38 -20.49 8.72
N ARG B 207 11.49 -21.01 7.51
CA ARG B 207 11.13 -20.23 6.29
C ARG B 207 9.61 -20.14 6.17
N ARG B 208 8.89 -21.04 6.84
CA ARG B 208 7.41 -21.01 6.79
C ARG B 208 6.90 -19.76 7.49
N LYS B 209 7.71 -19.14 8.35
CA LYS B 209 7.26 -17.99 9.17
C LYS B 209 7.69 -16.64 8.58
N TRP B 210 8.55 -16.60 7.57
CA TRP B 210 8.91 -15.35 6.94
C TRP B 210 8.90 -15.38 5.42
N ILE B 211 8.38 -16.46 4.81
CA ILE B 211 8.43 -16.57 3.31
C ILE B 211 7.37 -15.65 2.69
N HIS B 212 6.27 -15.39 3.41
CA HIS B 212 5.16 -14.57 2.87
C HIS B 212 5.64 -13.15 2.55
N CYS B 213 6.53 -12.60 3.39
CA CYS B 213 7.07 -11.22 3.16
C CYS B 213 7.37 -10.97 1.67
N PHE B 214 7.88 -11.97 0.94
CA PHE B 214 8.28 -11.70 -0.47
C PHE B 214 7.25 -12.29 -1.44
N GLU B 215 6.01 -12.45 -1.00
CA GLU B 215 4.93 -13.01 -1.85
C GLU B 215 4.95 -12.31 -3.21
N ASN B 216 4.88 -10.97 -3.19
CA ASN B 216 4.88 -10.20 -4.46
C ASN B 216 6.30 -9.75 -4.78
N VAL B 217 6.99 -10.48 -5.66
CA VAL B 217 8.36 -10.07 -6.11
C VAL B 217 8.38 -10.27 -7.62
N THR B 218 9.29 -9.60 -8.33
CA THR B 218 9.38 -9.82 -9.76
C THR B 218 9.92 -11.22 -10.06
N SER B 219 11.05 -11.58 -9.44
CA SER B 219 11.72 -12.82 -9.75
C SER B 219 12.37 -13.41 -8.50
N ILE B 220 12.40 -14.74 -8.45
CA ILE B 220 13.15 -15.45 -7.41
C ILE B 220 14.39 -16.07 -8.02
N MET B 221 15.53 -15.41 -7.85
CA MET B 221 16.78 -15.89 -8.41
C MET B 221 17.32 -17.06 -7.61
N PHE B 222 17.91 -18.02 -8.30
CA PHE B 222 18.58 -19.15 -7.69
C PHE B 222 20.00 -19.23 -8.21
N LEU B 223 20.90 -19.78 -7.40
CA LEU B 223 22.29 -19.99 -7.79
C LEU B 223 22.71 -21.40 -7.37
N VAL B 224 23.03 -22.23 -8.35
CA VAL B 224 23.48 -23.59 -8.07
C VAL B 224 24.76 -23.83 -8.86
N ALA B 225 25.65 -24.67 -8.34
CA ALA B 225 26.94 -24.93 -8.98
C ALA B 225 26.87 -26.20 -9.83
N LEU B 226 27.55 -26.15 -10.98
CA LEU B 226 27.60 -27.28 -11.89
C LEU B 226 28.59 -28.35 -11.47
N SER B 227 29.56 -28.02 -10.62
CA SER B 227 30.56 -28.97 -10.18
C SER B 227 30.13 -29.74 -8.96
N GLU B 228 28.84 -29.76 -8.64
CA GLU B 228 28.31 -30.31 -7.42
C GLU B 228 27.83 -31.75 -7.56
N TYR B 229 27.94 -32.33 -8.76
CA TYR B 229 27.32 -33.64 -9.00
C TYR B 229 28.07 -34.76 -8.27
N ASP B 230 29.39 -34.65 -8.16
CA ASP B 230 30.15 -35.72 -7.52
C ASP B 230 30.28 -35.52 -6.01
N GLN B 231 30.19 -34.26 -5.58
CA GLN B 231 30.40 -33.94 -4.14
C GLN B 231 29.33 -34.56 -3.26
N VAL B 232 29.74 -35.40 -2.29
CA VAL B 232 28.77 -35.94 -1.30
C VAL B 232 29.25 -35.41 0.06
N LEU B 233 28.39 -34.72 0.82
CA LEU B 233 28.89 -34.10 2.09
C LEU B 233 28.93 -35.10 3.23
N VAL B 234 29.94 -35.00 4.10
CA VAL B 234 30.10 -35.96 5.23
C VAL B 234 28.91 -35.84 6.20
N GLU B 235 28.42 -34.62 6.44
CA GLU B 235 27.32 -34.43 7.42
C GLU B 235 26.09 -35.20 6.97
N SER B 236 25.82 -35.23 5.66
CA SER B 236 24.72 -36.09 5.16
C SER B 236 25.21 -37.53 5.19
N ASP B 237 24.30 -38.49 5.31
CA ASP B 237 24.68 -39.92 5.21
C ASP B 237 24.68 -40.29 3.74
N ASN B 238 25.78 -40.03 3.04
CA ASN B 238 25.91 -40.40 1.59
C ASN B 238 24.81 -39.77 0.73
N GLU B 239 24.50 -38.48 0.95
CA GLU B 239 23.51 -37.79 0.09
C GLU B 239 24.23 -36.88 -0.92
N ASN B 240 23.84 -36.94 -2.20
CA ASN B 240 24.48 -36.10 -3.24
C ASN B 240 24.05 -34.65 -2.99
N ARG B 241 24.96 -33.70 -3.18
CA ARG B 241 24.60 -32.30 -2.95
C ARG B 241 23.69 -31.76 -4.06
N MET B 242 23.87 -32.24 -5.30
CA MET B 242 23.01 -31.78 -6.38
C MET B 242 21.57 -32.22 -6.18
N GLU B 243 21.37 -33.40 -5.62
CA GLU B 243 19.99 -33.88 -5.36
C GLU B 243 19.41 -33.01 -4.24
N GLU B 244 20.26 -32.52 -3.34
CA GLU B 244 19.81 -31.60 -2.27
C GLU B 244 19.37 -30.25 -2.87
N SER B 245 20.14 -29.74 -3.84
CA SER B 245 19.81 -28.45 -4.49
C SER B 245 18.55 -28.62 -5.35
N LYS B 246 18.36 -29.78 -5.98
CA LYS B 246 17.17 -30.05 -6.76
C LYS B 246 15.92 -30.07 -5.89
N ALA B 247 16.02 -30.70 -4.71
CA ALA B 247 14.88 -30.71 -3.80
C ALA B 247 14.53 -29.31 -3.34
N LEU B 248 15.54 -28.48 -3.03
CA LEU B 248 15.26 -27.10 -2.64
C LEU B 248 14.61 -26.32 -3.76
N PHE B 249 15.13 -26.46 -4.99
CA PHE B 249 14.55 -25.77 -6.14
C PHE B 249 13.09 -26.15 -6.33
N ARG B 250 12.80 -27.44 -6.32
CA ARG B 250 11.41 -27.87 -6.50
C ARG B 250 10.53 -27.33 -5.39
N THR B 251 11.01 -27.38 -4.14
CA THR B 251 10.20 -26.92 -3.01
C THR B 251 9.87 -25.44 -3.12
N ILE B 252 10.87 -24.63 -3.47
CA ILE B 252 10.62 -23.19 -3.58
C ILE B 252 9.68 -22.90 -4.74
N ILE B 253 9.94 -23.43 -5.92
CA ILE B 253 9.13 -23.05 -7.07
C ILE B 253 7.71 -23.56 -6.93
N THR B 254 7.50 -24.59 -6.10
CA THR B 254 6.15 -25.08 -5.88
C THR B 254 5.38 -24.18 -4.90
N TYR B 255 6.05 -23.21 -4.28
CA TYR B 255 5.38 -22.32 -3.32
C TYR B 255 4.24 -21.54 -3.97
N PRO B 256 3.05 -21.55 -3.36
CA PRO B 256 1.96 -20.71 -3.89
C PRO B 256 2.21 -19.22 -3.78
N TRP B 257 3.13 -18.78 -2.92
CA TRP B 257 3.40 -17.35 -2.84
C TRP B 257 4.02 -16.82 -4.13
N PHE B 258 4.84 -17.63 -4.78
CA PHE B 258 5.58 -17.20 -5.96
C PHE B 258 4.92 -17.62 -7.25
N GLN B 259 3.61 -17.88 -7.23
CA GLN B 259 2.88 -18.35 -8.44
C GLN B 259 2.94 -17.28 -9.53
N ASN B 260 3.03 -16.01 -9.15
CA ASN B 260 3.05 -14.89 -10.13
C ASN B 260 4.48 -14.41 -10.33
N SER B 261 5.46 -15.09 -9.73
CA SER B 261 6.86 -14.60 -9.80
C SER B 261 7.71 -15.45 -10.75
N SER B 262 8.52 -14.81 -11.60
CA SER B 262 9.44 -15.51 -12.47
C SER B 262 10.45 -16.30 -11.66
N VAL B 263 11.01 -17.33 -12.28
CA VAL B 263 12.11 -18.09 -11.71
C VAL B 263 13.30 -17.92 -12.61
N ILE B 264 14.39 -17.40 -12.07
CA ILE B 264 15.66 -17.29 -12.77
C ILE B 264 16.63 -18.27 -12.12
N LEU B 265 17.34 -19.05 -12.94
CA LEU B 265 18.32 -20.03 -12.41
C LEU B 265 19.69 -19.70 -12.99
N PHE B 266 20.70 -19.63 -12.13
CA PHE B 266 22.08 -19.39 -12.59
C PHE B 266 22.85 -20.67 -12.30
N LEU B 267 23.58 -21.19 -13.29
CA LEU B 267 24.41 -22.38 -13.04
C LEU B 267 25.85 -21.90 -12.95
N ASN B 268 26.52 -22.19 -11.83
CA ASN B 268 27.85 -21.60 -11.57
C ASN B 268 28.96 -22.65 -11.66
N LYS B 269 30.22 -22.22 -11.50
CA LYS B 269 31.39 -23.13 -11.49
C LYS B 269 31.51 -23.80 -12.86
N LYS B 270 31.32 -23.03 -13.93
CA LYS B 270 31.39 -23.57 -15.31
C LYS B 270 32.80 -24.09 -15.58
N ASP B 271 33.82 -23.37 -15.12
CA ASP B 271 35.24 -23.79 -15.36
C ASP B 271 35.53 -25.05 -14.55
N LEU B 272 35.10 -25.09 -13.29
CA LEU B 272 35.40 -26.26 -12.47
C LEU B 272 34.81 -27.52 -13.06
N LEU B 273 33.68 -27.42 -13.78
CA LEU B 273 33.09 -28.62 -14.45
C LEU B 273 33.98 -29.05 -15.62
N GLU B 274 34.57 -28.08 -16.34
CA GLU B 274 35.39 -28.41 -17.53
C GLU B 274 36.56 -29.29 -17.10
N GLU B 275 37.14 -29.02 -15.93
CA GLU B 275 38.22 -29.87 -15.40
C GLU B 275 37.62 -31.11 -14.72
N LYS B 276 36.59 -30.92 -13.91
CA LYS B 276 36.06 -32.09 -13.15
C LYS B 276 35.55 -33.21 -14.07
N ILE B 277 34.91 -32.89 -15.19
CA ILE B 277 34.28 -33.93 -16.06
C ILE B 277 35.31 -34.94 -16.54
N MET B 278 36.55 -34.50 -16.81
CA MET B 278 37.56 -35.43 -17.38
C MET B 278 37.81 -36.61 -16.43
N TYR B 279 37.94 -36.35 -15.12
CA TYR B 279 38.26 -37.44 -14.17
C TYR B 279 37.00 -38.03 -13.51
N SER B 280 35.85 -37.36 -13.62
CA SER B 280 34.62 -37.84 -12.95
C SER B 280 33.49 -38.04 -13.97
N HIS B 281 32.92 -39.24 -14.02
CA HIS B 281 31.85 -39.54 -15.01
C HIS B 281 30.49 -39.29 -14.36
N LEU B 282 29.66 -38.44 -14.97
CA LEU B 282 28.36 -38.08 -14.37
C LEU B 282 27.44 -39.29 -14.32
N VAL B 283 27.61 -40.23 -15.27
CA VAL B 283 26.73 -41.44 -15.33
C VAL B 283 26.81 -42.21 -14.00
N ASP B 284 27.97 -42.21 -13.34
CA ASP B 284 28.14 -42.96 -12.07
C ASP B 284 27.18 -42.40 -11.01
N TYR B 285 26.98 -41.09 -10.96
CA TYR B 285 26.13 -40.46 -9.91
C TYR B 285 24.67 -40.40 -10.38
N PHE B 286 24.44 -40.12 -11.66
CA PHE B 286 23.08 -40.08 -12.19
C PHE B 286 22.94 -41.13 -13.30
N PRO B 287 22.14 -42.21 -13.15
CA PRO B 287 22.09 -43.26 -14.17
C PRO B 287 21.48 -42.82 -15.51
N GLU B 288 20.59 -41.83 -15.50
CA GLU B 288 19.88 -41.40 -16.74
C GLU B 288 20.89 -40.87 -17.77
N TYR B 289 21.92 -40.15 -17.33
CA TYR B 289 22.87 -39.54 -18.28
C TYR B 289 23.40 -40.57 -19.29
N ASP B 290 23.20 -40.30 -20.58
CA ASP B 290 23.75 -41.14 -21.64
C ASP B 290 24.32 -40.19 -22.70
N GLY B 291 25.61 -39.93 -22.59
CA GLY B 291 26.27 -39.01 -23.48
C GLY B 291 27.69 -39.44 -23.77
N PRO B 292 28.51 -38.52 -24.27
CA PRO B 292 29.89 -38.88 -24.63
C PRO B 292 30.70 -39.40 -23.46
N GLN B 293 30.33 -39.08 -22.23
CA GLN B 293 30.97 -39.46 -20.98
C GLN B 293 32.29 -38.72 -20.76
N ARG B 294 32.73 -37.86 -21.68
CA ARG B 294 33.87 -37.01 -21.43
C ARG B 294 33.63 -35.58 -21.93
N ASP B 295 32.37 -35.18 -22.09
CA ASP B 295 32.01 -33.90 -22.69
C ASP B 295 31.37 -33.03 -21.62
N ALA B 296 31.90 -31.83 -21.43
CA ALA B 296 31.34 -30.90 -20.43
C ALA B 296 30.07 -30.26 -20.99
N GLN B 297 30.01 -30.06 -22.31
CA GLN B 297 28.83 -29.44 -22.96
C GLN B 297 27.61 -30.34 -22.73
N ALA B 298 27.78 -31.66 -22.87
CA ALA B 298 26.66 -32.60 -22.71
C ALA B 298 26.22 -32.65 -21.25
N ALA B 299 27.18 -32.66 -20.32
CA ALA B 299 26.87 -32.66 -18.89
C ALA B 299 26.12 -31.39 -18.48
N ARG B 300 26.56 -30.23 -18.96
CA ARG B 300 25.84 -29.00 -18.65
C ARG B 300 24.40 -29.08 -19.10
N GLU B 301 24.18 -29.52 -20.34
CA GLU B 301 22.82 -29.55 -20.84
C GLU B 301 21.98 -30.59 -20.09
N PHE B 302 22.58 -31.71 -19.70
CA PHE B 302 21.84 -32.68 -18.91
C PHE B 302 21.44 -32.11 -17.55
N ILE B 303 22.36 -31.40 -16.90
CA ILE B 303 22.08 -30.83 -15.59
C ILE B 303 20.98 -29.79 -15.68
N LEU B 304 21.10 -28.89 -16.65
CA LEU B 304 20.07 -27.89 -16.84
C LEU B 304 18.74 -28.55 -17.16
N LYS B 305 18.75 -29.63 -17.92
CA LYS B 305 17.51 -30.34 -18.20
C LYS B 305 16.91 -30.92 -16.92
N MET B 306 17.75 -31.51 -16.05
CA MET B 306 17.22 -32.04 -14.80
C MET B 306 16.57 -30.96 -13.97
N PHE B 307 17.18 -29.78 -13.94
CA PHE B 307 16.61 -28.70 -13.12
C PHE B 307 15.31 -28.17 -13.73
N VAL B 308 15.32 -27.91 -15.03
CA VAL B 308 14.14 -27.32 -15.67
C VAL B 308 12.97 -28.30 -15.67
N ASP B 309 13.24 -29.61 -15.68
CA ASP B 309 12.15 -30.57 -15.67
C ASP B 309 11.30 -30.51 -14.41
N LEU B 310 11.78 -29.88 -13.34
CA LEU B 310 11.06 -29.82 -12.08
C LEU B 310 9.91 -28.83 -12.10
N ASN B 311 9.79 -28.03 -13.16
CA ASN B 311 8.76 -27.00 -13.22
C ASN B 311 7.38 -27.65 -13.19
N PRO B 312 6.51 -27.28 -12.25
CA PRO B 312 5.22 -27.96 -12.12
C PRO B 312 4.10 -27.31 -12.91
N ASP B 313 4.42 -26.35 -13.78
CA ASP B 313 3.41 -25.59 -14.50
C ASP B 313 3.39 -25.93 -15.98
N SER B 314 4.55 -25.91 -16.64
CA SER B 314 4.78 -26.14 -18.07
C SER B 314 4.34 -24.93 -18.89
N ASP B 315 3.82 -23.87 -18.27
CA ASP B 315 3.48 -22.66 -18.97
C ASP B 315 4.41 -21.52 -18.58
N LYS B 316 5.11 -21.64 -17.45
CA LYS B 316 6.00 -20.61 -16.95
C LYS B 316 7.43 -20.90 -17.39
N ILE B 317 8.09 -19.88 -17.91
CA ILE B 317 9.48 -19.99 -18.33
C ILE B 317 10.36 -20.05 -17.09
N ILE B 318 11.47 -20.77 -17.20
CA ILE B 318 12.53 -20.78 -16.19
C ILE B 318 13.79 -20.29 -16.87
N TYR B 319 14.12 -19.02 -16.69
CA TYR B 319 15.27 -18.45 -17.36
C TYR B 319 16.55 -19.05 -16.81
N SER B 320 17.57 -19.11 -17.64
CA SER B 320 18.80 -19.82 -17.30
C SER B 320 20.00 -19.08 -17.84
N HIS B 321 21.15 -19.33 -17.20
CA HIS B 321 22.42 -18.72 -17.68
C HIS B 321 23.56 -19.57 -17.12
N PHE B 322 24.68 -19.65 -17.85
CA PHE B 322 25.88 -20.36 -17.33
C PHE B 322 26.88 -19.30 -16.92
N THR B 323 27.18 -19.18 -15.62
CA THR B 323 28.06 -18.09 -15.12
C THR B 323 29.43 -18.65 -14.71
N CYS B 324 30.51 -18.02 -15.16
CA CYS B 324 31.86 -18.60 -14.93
C CYS B 324 32.64 -17.95 -13.79
N ALA B 325 32.03 -17.06 -13.00
CA ALA B 325 32.73 -16.32 -11.92
C ALA B 325 33.58 -15.18 -12.49
N THR B 326 33.72 -15.10 -13.81
CA THR B 326 34.43 -13.96 -14.44
C THR B 326 33.44 -13.31 -15.40
N ASP B 327 32.16 -13.70 -15.30
CA ASP B 327 31.13 -13.19 -16.25
C ASP B 327 30.96 -11.68 -16.07
N THR B 328 30.77 -10.95 -17.16
CA THR B 328 30.49 -9.49 -17.06
C THR B 328 29.11 -9.24 -17.66
N GLU B 329 28.29 -10.29 -17.82
CA GLU B 329 26.94 -10.15 -18.43
C GLU B 329 25.85 -10.61 -17.45
N ASN B 330 26.15 -10.73 -16.16
CA ASN B 330 25.15 -11.29 -15.21
C ASN B 330 24.06 -10.24 -14.96
N ILE B 331 24.39 -8.95 -15.04
CA ILE B 331 23.43 -7.83 -14.83
C ILE B 331 22.53 -7.70 -16.07
N ARG B 332 23.12 -7.80 -17.27
CA ARG B 332 22.34 -7.69 -18.52
C ARG B 332 21.34 -8.84 -18.59
N PHE B 333 21.77 -10.04 -18.21
CA PHE B 333 20.85 -11.20 -18.27
C PHE B 333 19.71 -10.96 -17.30
N VAL B 334 20.00 -10.45 -16.11
CA VAL B 334 18.94 -10.22 -15.08
C VAL B 334 17.95 -9.19 -15.62
N PHE B 335 18.44 -8.15 -16.30
CA PHE B 335 17.53 -7.14 -16.90
C PHE B 335 16.66 -7.78 -17.99
N ALA B 336 17.24 -8.55 -18.91
CA ALA B 336 16.52 -9.16 -20.05
C ALA B 336 15.54 -10.18 -19.53
N ALA B 337 15.88 -10.91 -18.48
CA ALA B 337 14.90 -11.83 -17.90
C ALA B 337 13.78 -11.07 -17.21
N VAL B 338 14.08 -9.94 -16.57
CA VAL B 338 13.05 -9.15 -15.91
C VAL B 338 12.15 -8.46 -16.94
N LYS B 339 12.75 -7.95 -18.02
CA LYS B 339 11.96 -7.34 -19.09
C LYS B 339 11.02 -8.36 -19.70
N ASP B 340 11.47 -9.59 -19.88
CA ASP B 340 10.59 -10.59 -20.47
C ASP B 340 9.56 -11.10 -19.47
N THR B 341 9.88 -11.10 -18.18
CA THR B 341 8.87 -11.36 -17.17
C THR B 341 7.74 -10.34 -17.25
N ILE B 342 8.10 -9.06 -17.34
CA ILE B 342 7.11 -8.00 -17.41
C ILE B 342 6.30 -8.12 -18.70
N LEU B 343 6.97 -8.39 -19.81
CA LEU B 343 6.27 -8.51 -21.12
C LEU B 343 5.19 -9.58 -21.01
N GLN B 344 5.53 -10.76 -20.48
CA GLN B 344 4.56 -11.87 -20.36
C GLN B 344 3.41 -11.50 -19.41
N LEU B 345 3.71 -10.82 -18.30
CA LEU B 345 2.66 -10.39 -17.35
C LEU B 345 1.71 -9.43 -18.08
N ASN B 346 2.24 -8.53 -18.90
CA ASN B 346 1.41 -7.63 -19.69
C ASN B 346 0.55 -8.41 -20.66
N LEU B 347 1.15 -9.32 -21.42
CA LEU B 347 0.36 -10.13 -22.36
C LEU B 347 -0.76 -10.87 -21.64
N LYS B 348 -0.51 -11.35 -20.43
CA LYS B 348 -1.56 -12.06 -19.72
C LYS B 348 -2.67 -11.11 -19.29
N GLU B 349 -2.33 -9.88 -18.90
CA GLU B 349 -3.36 -8.97 -18.40
C GLU B 349 -4.18 -8.36 -19.53
N TYR B 350 -3.58 -8.18 -20.71
CA TYR B 350 -4.31 -7.72 -21.88
C TYR B 350 -5.05 -8.83 -22.62
N ASN B 351 -5.11 -10.02 -22.05
CA ASN B 351 -5.85 -11.16 -22.59
C ASN B 351 -5.35 -11.55 -23.98
N LEU B 352 -4.13 -11.15 -24.34
CA LEU B 352 -3.55 -11.57 -25.61
C LEU B 352 -3.03 -13.00 -25.55
N VAL B 353 -2.36 -13.35 -24.46
CA VAL B 353 -1.95 -14.73 -24.22
C VAL B 353 -2.93 -15.38 -23.28
N ALA C 40 -8.15 -32.13 37.58
CA ALA C 40 -9.17 -31.81 36.58
C ALA C 40 -10.52 -32.34 37.07
N ASP C 41 -11.23 -31.52 37.83
CA ASP C 41 -12.51 -31.94 38.38
C ASP C 41 -13.60 -31.91 37.31
N ALA C 42 -13.60 -30.89 36.47
CA ALA C 42 -14.63 -30.74 35.46
C ALA C 42 -14.10 -29.87 34.33
N THR C 43 -14.78 -29.92 33.20
CA THR C 43 -14.40 -29.08 32.08
C THR C 43 -15.02 -27.70 32.24
N LEU C 44 -14.41 -26.70 31.58
CA LEU C 44 -14.96 -25.35 31.62
C LEU C 44 -16.32 -25.31 30.95
N SER C 45 -16.52 -26.10 29.90
CA SER C 45 -17.81 -26.11 29.20
C SER C 45 -18.89 -26.77 30.03
N GLN C 46 -18.50 -27.62 30.99
CA GLN C 46 -19.51 -28.21 31.87
C GLN C 46 -19.99 -27.20 32.91
N ILE C 47 -19.09 -26.36 33.42
CA ILE C 47 -19.47 -25.36 34.39
C ILE C 47 -20.28 -24.24 33.76
N THR C 48 -19.91 -23.77 32.57
CA THR C 48 -20.64 -22.72 31.88
C THR C 48 -21.74 -23.27 30.98
N ASN C 49 -22.23 -24.47 31.26
CA ASN C 49 -23.35 -25.00 30.47
C ASN C 49 -24.63 -24.24 30.75
N ASN C 50 -24.85 -23.86 32.01
CA ASN C 50 -26.04 -23.08 32.39
C ASN C 50 -25.69 -21.60 32.49
N ILE C 51 -25.35 -21.02 31.34
CA ILE C 51 -25.12 -19.59 31.22
C ILE C 51 -25.80 -19.12 29.95
N ASP C 52 -26.22 -17.86 29.92
CA ASP C 52 -26.98 -17.34 28.79
C ASP C 52 -26.03 -16.98 27.65
N PRO C 53 -26.30 -17.44 26.43
CA PRO C 53 -25.41 -17.11 25.30
C PRO C 53 -25.34 -15.62 25.05
N VAL C 54 -24.20 -15.18 24.52
CA VAL C 54 -24.02 -13.78 24.16
C VAL C 54 -25.09 -13.32 23.19
N GLY C 55 -25.39 -14.13 22.19
CA GLY C 55 -26.23 -13.70 21.10
C GLY C 55 -25.41 -13.20 19.93
N ARG C 56 -26.10 -12.87 18.86
CA ARG C 56 -25.42 -12.43 17.66
C ARG C 56 -24.70 -11.10 17.90
N ILE C 57 -23.44 -11.03 17.51
CA ILE C 57 -22.66 -9.76 17.68
C ILE C 57 -22.57 -9.07 16.33
N GLN C 58 -23.12 -7.85 16.23
CA GLN C 58 -23.07 -7.09 14.96
C GLN C 58 -22.11 -5.92 15.14
N MET C 59 -21.10 -5.84 14.28
CA MET C 59 -20.11 -4.73 14.35
C MET C 59 -19.94 -4.12 12.96
N ARG C 60 -19.96 -2.79 12.87
CA ARG C 60 -19.89 -2.10 11.56
C ARG C 60 -18.65 -1.22 11.53
N THR C 61 -18.09 -1.06 10.35
CA THR C 61 -16.89 -0.21 10.19
C THR C 61 -17.29 1.23 10.50
N ARG C 62 -16.79 1.86 11.57
CA ARG C 62 -17.17 3.26 11.77
C ARG C 62 -16.10 4.11 11.12
N ARG C 63 -14.92 3.56 10.88
CA ARG C 63 -13.85 4.33 10.19
C ARG C 63 -13.04 3.40 9.29
N THR C 64 -12.28 3.95 8.35
CA THR C 64 -11.40 3.15 7.47
C THR C 64 -10.13 3.97 7.27
N LEU C 65 -8.98 3.44 7.70
CA LEU C 65 -7.74 4.24 7.65
C LEU C 65 -6.94 3.86 6.42
N ARG C 66 -6.84 4.77 5.46
CA ARG C 66 -6.15 4.52 4.20
C ARG C 66 -4.86 5.33 4.16
N GLY C 67 -3.84 4.80 3.51
CA GLY C 67 -2.58 5.57 3.35
C GLY C 67 -1.40 4.63 3.17
N HIS C 68 -1.45 3.47 3.84
CA HIS C 68 -0.38 2.46 3.63
C HIS C 68 -0.47 1.93 2.21
N LEU C 69 0.66 1.71 1.55
CA LEU C 69 0.64 1.29 0.12
C LEU C 69 1.09 -0.17 0.00
N ALA C 70 1.43 -0.82 1.11
CA ALA C 70 1.78 -2.23 1.07
C ALA C 70 1.00 -3.00 2.11
N LYS C 71 1.37 -4.26 2.35
CA LYS C 71 0.68 -5.09 3.36
C LYS C 71 0.95 -4.53 4.76
N ILE C 72 -0.09 -4.48 5.59
CA ILE C 72 0.06 -4.02 7.00
C ILE C 72 0.28 -5.26 7.85
N TYR C 73 1.39 -5.31 8.59
CA TYR C 73 1.74 -6.52 9.37
C TYR C 73 1.40 -6.33 10.84
N ALA C 74 1.60 -5.11 11.35
CA ALA C 74 1.38 -4.89 12.79
C ALA C 74 0.64 -3.59 13.11
N MET C 75 -0.16 -3.61 14.18
CA MET C 75 -0.87 -2.39 14.67
C MET C 75 -0.79 -2.41 16.19
N HIS C 76 -0.79 -1.25 16.84
CA HIS C 76 -0.88 -1.23 18.32
C HIS C 76 -1.69 -0.01 18.76
N TRP C 77 -2.73 -0.23 19.55
CA TRP C 77 -3.55 0.90 20.07
C TRP C 77 -2.77 1.64 21.17
N GLY C 78 -3.09 2.92 21.40
CA GLY C 78 -2.47 3.68 22.50
C GLY C 78 -3.28 3.56 23.77
N THR C 79 -2.71 3.94 24.91
CA THR C 79 -3.42 3.86 26.18
C THR C 79 -4.53 4.90 26.29
N ASP C 80 -4.36 6.04 25.64
CA ASP C 80 -5.42 7.04 25.59
C ASP C 80 -6.67 6.49 24.92
N SER C 81 -6.53 5.45 24.10
CA SER C 81 -7.59 4.73 23.40
C SER C 81 -8.15 5.54 22.25
N ARG C 82 -7.39 6.48 21.73
CA ARG C 82 -7.74 7.25 20.55
C ARG C 82 -6.67 7.21 19.47
N LEU C 83 -5.39 7.21 19.84
CA LEU C 83 -4.29 7.15 18.90
C LEU C 83 -3.88 5.70 18.69
N LEU C 84 -3.51 5.36 17.46
CA LEU C 84 -2.97 4.03 17.19
C LEU C 84 -1.83 4.14 16.19
N VAL C 85 -0.91 3.19 16.27
CA VAL C 85 0.20 3.14 15.32
C VAL C 85 0.04 1.87 14.49
N SER C 86 0.55 1.92 13.26
CA SER C 86 0.51 0.77 12.38
C SER C 86 1.76 0.74 11.52
N ALA C 87 2.21 -0.47 11.19
CA ALA C 87 3.44 -0.68 10.46
C ALA C 87 3.18 -1.39 9.14
N SER C 88 3.88 -0.98 8.10
CA SER C 88 3.64 -1.60 6.81
C SER C 88 4.94 -1.78 6.06
N GLN C 89 4.91 -2.67 5.08
CA GLN C 89 6.10 -3.08 4.35
C GLN C 89 6.59 -2.04 3.34
N ASP C 90 5.84 -0.98 3.08
CA ASP C 90 6.37 0.14 2.31
C ASP C 90 7.37 0.97 3.09
N GLY C 91 7.76 0.55 4.28
CA GLY C 91 8.73 1.27 5.05
C GLY C 91 8.17 2.40 5.88
N LYS C 92 6.88 2.32 6.22
CA LYS C 92 6.24 3.47 6.91
C LYS C 92 5.56 3.07 8.22
N LEU C 93 5.83 3.81 9.29
CA LEU C 93 5.14 3.59 10.58
C LEU C 93 4.19 4.78 10.71
N ILE C 94 2.88 4.56 10.83
CA ILE C 94 1.95 5.72 10.81
C ILE C 94 1.13 5.83 12.09
N ILE C 95 1.23 6.96 12.80
CA ILE C 95 0.37 7.22 14.00
C ILE C 95 -0.90 7.93 13.51
N TRP C 96 -2.07 7.44 13.88
CA TRP C 96 -3.34 7.97 13.34
C TRP C 96 -4.27 8.39 14.47
N ASP C 97 -5.12 9.40 14.24
CA ASP C 97 -6.17 9.77 15.21
C ASP C 97 -7.38 8.95 14.79
N SER C 98 -7.89 8.11 15.67
CA SER C 98 -9.00 7.23 15.28
C SER C 98 -10.28 8.03 15.07
N TYR C 99 -10.55 9.00 15.92
CA TYR C 99 -11.82 9.71 15.87
C TYR C 99 -11.99 10.46 14.55
N THR C 100 -10.94 11.14 14.12
CA THR C 100 -11.05 12.01 12.93
C THR C 100 -10.37 11.43 11.68
N THR C 101 -9.80 10.22 11.76
CA THR C 101 -9.08 9.58 10.62
C THR C 101 -7.86 10.41 10.23
N ASN C 102 -7.46 11.35 11.07
CA ASN C 102 -6.33 12.26 10.72
C ASN C 102 -5.00 11.55 10.99
N LYS C 103 -3.98 11.81 10.17
CA LYS C 103 -2.65 11.23 10.40
C LYS C 103 -1.81 12.19 11.26
N VAL C 104 -1.58 11.81 12.52
CA VAL C 104 -0.80 12.66 13.46
C VAL C 104 0.68 12.62 13.07
N HIS C 105 1.22 11.43 12.79
CA HIS C 105 2.67 11.30 12.47
C HIS C 105 2.92 10.27 11.37
N ALA C 106 4.02 10.42 10.62
CA ALA C 106 4.41 9.43 9.58
C ALA C 106 5.92 9.20 9.72
N ILE C 107 6.34 8.02 10.18
CA ILE C 107 7.78 7.76 10.45
C ILE C 107 8.37 6.87 9.35
N PRO C 108 9.44 7.30 8.65
CA PRO C 108 10.11 6.44 7.67
C PRO C 108 11.08 5.46 8.36
N LEU C 109 10.92 4.16 8.10
CA LEU C 109 11.79 3.16 8.72
C LEU C 109 13.01 2.89 7.83
N ARG C 110 14.11 2.50 8.47
CA ARG C 110 15.34 2.21 7.72
C ARG C 110 15.23 0.87 7.00
N SER C 111 14.67 -0.13 7.65
CA SER C 111 14.45 -1.44 7.06
C SER C 111 12.96 -1.58 6.77
N SER C 112 12.61 -1.81 5.51
CA SER C 112 11.22 -1.94 5.15
C SER C 112 10.60 -3.23 5.64
N TRP C 113 11.41 -4.20 6.05
CA TRP C 113 10.91 -5.52 6.43
C TRP C 113 10.60 -5.52 7.92
N VAL C 114 9.40 -5.06 8.27
CA VAL C 114 9.00 -4.92 9.66
C VAL C 114 7.84 -5.85 9.94
N MET C 115 7.88 -6.51 11.10
CA MET C 115 6.91 -7.51 11.44
C MET C 115 6.16 -7.23 12.74
N THR C 116 6.59 -6.22 13.50
CA THR C 116 6.01 -5.94 14.81
C THR C 116 5.99 -4.44 15.05
N CYS C 117 5.12 -4.02 15.96
CA CYS C 117 4.88 -2.61 16.26
C CYS C 117 4.40 -2.48 17.70
N ALA C 118 4.87 -1.44 18.38
CA ALA C 118 4.46 -1.21 19.76
C ALA C 118 4.40 0.28 20.05
N TYR C 119 3.52 0.64 20.98
CA TYR C 119 3.27 2.01 21.39
C TYR C 119 3.52 2.10 22.89
N ALA C 120 4.32 3.08 23.32
CA ALA C 120 4.70 3.17 24.72
C ALA C 120 3.47 3.47 25.58
N PRO C 121 3.35 2.87 26.77
CA PRO C 121 2.18 3.16 27.61
C PRO C 121 2.05 4.61 28.01
N SER C 122 3.17 5.31 28.19
CA SER C 122 3.12 6.75 28.41
C SER C 122 2.59 7.47 27.18
N GLY C 123 3.06 7.08 26.01
CA GLY C 123 2.71 7.74 24.77
C GLY C 123 3.84 8.49 24.13
N ASN C 124 5.03 8.46 24.70
CA ASN C 124 6.15 9.22 24.17
C ASN C 124 6.91 8.50 23.07
N TYR C 125 6.75 7.18 22.97
CA TYR C 125 7.69 6.33 22.24
C TYR C 125 6.92 5.31 21.42
N VAL C 126 7.50 4.95 20.27
CA VAL C 126 7.06 3.78 19.52
C VAL C 126 8.27 2.89 19.24
N ALA C 127 8.03 1.59 19.08
CA ALA C 127 9.07 0.63 18.76
C ALA C 127 8.68 -0.18 17.53
N CYS C 128 9.64 -0.41 16.64
CA CYS C 128 9.42 -1.25 15.48
C CYS C 128 10.61 -2.17 15.24
N GLY C 129 10.33 -3.39 14.76
CA GLY C 129 11.40 -4.30 14.40
C GLY C 129 10.95 -5.30 13.35
N GLY C 130 11.94 -5.97 12.75
CA GLY C 130 11.62 -6.92 11.70
C GLY C 130 12.75 -7.85 11.31
N LEU C 131 12.91 -8.08 10.01
CA LEU C 131 13.92 -9.01 9.52
C LEU C 131 15.33 -8.45 9.60
N ASP C 132 15.51 -7.21 10.06
CA ASP C 132 16.84 -6.66 10.22
C ASP C 132 17.48 -7.04 11.55
N ASN C 133 16.73 -7.68 12.45
CA ASN C 133 17.15 -8.16 13.77
C ASN C 133 17.39 -7.02 14.77
N ILE C 134 16.88 -5.82 14.54
CA ILE C 134 17.07 -4.67 15.42
C ILE C 134 15.71 -4.17 15.86
N CYS C 135 15.59 -3.78 17.13
CA CYS C 135 14.39 -3.11 17.61
C CYS C 135 14.67 -1.62 17.77
N SER C 136 14.01 -0.79 16.97
CA SER C 136 14.24 0.64 16.97
C SER C 136 13.18 1.35 17.80
N ILE C 137 13.63 2.26 18.66
CA ILE C 137 12.80 3.07 19.53
C ILE C 137 12.85 4.50 19.00
N TYR C 138 11.67 5.05 18.67
CA TYR C 138 11.57 6.45 18.18
C TYR C 138 10.81 7.26 19.23
N ASN C 139 11.14 8.55 19.36
CA ASN C 139 10.43 9.42 20.34
C ASN C 139 9.43 10.31 19.60
N LEU C 140 8.17 10.30 20.02
CA LEU C 140 7.12 11.12 19.38
C LEU C 140 7.11 12.51 20.04
N LYS C 141 7.14 12.59 21.37
CA LYS C 141 7.10 13.91 22.07
C LYS C 141 8.52 14.48 22.18
N THR C 142 9.17 14.73 21.06
CA THR C 142 10.48 15.44 21.10
C THR C 142 10.29 16.91 20.75
N ARG C 143 11.21 17.81 21.15
CA ARG C 143 11.02 19.29 20.99
C ARG C 143 11.52 19.95 19.70
N GLU C 144 11.79 19.22 18.62
CA GLU C 144 12.16 19.90 17.35
C GLU C 144 11.06 19.66 16.32
N GLY C 145 10.01 18.93 16.72
CA GLY C 145 8.87 18.70 15.81
C GLY C 145 8.95 17.37 15.09
N ASN C 146 10.14 16.97 14.66
CA ASN C 146 10.34 15.69 13.92
C ASN C 146 10.33 14.50 14.89
N VAL C 147 10.05 13.29 14.38
CA VAL C 147 10.15 12.07 15.23
C VAL C 147 11.49 11.42 14.88
N ARG C 148 12.41 11.31 15.84
CA ARG C 148 13.76 10.79 15.55
C ARG C 148 14.02 9.50 16.34
N VAL C 149 14.93 8.65 15.85
CA VAL C 149 15.24 7.36 16.52
C VAL C 149 16.02 7.65 17.80
N SER C 150 15.58 7.08 18.92
CA SER C 150 16.23 7.36 20.23
C SER C 150 17.37 6.35 20.40
N ARG C 151 17.09 5.08 20.13
CA ARG C 151 18.11 4.00 20.33
C ARG C 151 17.79 2.82 19.41
N GLU C 152 18.82 2.11 18.94
CA GLU C 152 18.61 0.89 18.13
C GLU C 152 19.12 -0.31 18.94
N LEU C 153 18.23 -1.24 19.33
CA LEU C 153 18.62 -2.38 20.21
C LEU C 153 19.00 -3.58 19.34
N ALA C 154 20.28 -3.95 19.29
CA ALA C 154 20.73 -5.01 18.34
C ALA C 154 21.48 -6.13 19.06
N GLY C 155 20.76 -7.13 19.58
CA GLY C 155 21.42 -8.28 20.23
C GLY C 155 20.92 -9.63 19.70
N HIS C 156 19.70 -9.67 19.17
CA HIS C 156 19.11 -10.94 18.66
C HIS C 156 19.75 -11.37 17.34
N THR C 157 19.76 -12.67 17.04
CA THR C 157 20.35 -13.20 15.78
C THR C 157 19.24 -13.56 14.80
N GLY C 158 18.00 -13.72 15.26
CA GLY C 158 16.88 -13.96 14.39
C GLY C 158 16.04 -12.71 14.23
N TYR C 159 15.04 -12.79 13.36
CA TYR C 159 14.13 -11.67 13.15
C TYR C 159 13.35 -11.38 14.42
N LEU C 160 13.00 -10.10 14.60
CA LEU C 160 12.16 -9.68 15.71
C LEU C 160 10.70 -9.90 15.36
N SER C 161 10.02 -10.72 16.15
CA SER C 161 8.63 -11.01 15.84
C SER C 161 7.64 -10.21 16.67
N CYS C 162 8.06 -9.72 17.83
CA CYS C 162 7.16 -8.97 18.69
C CYS C 162 8.00 -8.14 19.64
N CYS C 163 7.43 -7.04 20.11
CA CYS C 163 8.05 -6.17 21.11
C CYS C 163 6.93 -5.46 21.85
N ARG C 164 7.06 -5.33 23.16
CA ARG C 164 6.01 -4.76 23.99
C ARG C 164 6.65 -3.97 25.13
N PHE C 165 6.42 -2.66 25.15
CA PHE C 165 7.00 -1.81 26.18
C PHE C 165 6.51 -2.22 27.56
N LEU C 166 7.43 -2.29 28.50
CA LEU C 166 7.11 -2.56 29.90
C LEU C 166 7.01 -1.28 30.72
N ASP C 167 7.84 -0.31 30.43
CA ASP C 167 7.82 1.06 30.96
C ASP C 167 8.34 1.94 29.84
N ASP C 168 8.79 3.14 30.18
CA ASP C 168 9.44 3.97 29.16
C ASP C 168 10.89 3.56 28.96
N ASN C 169 11.41 2.72 29.85
CA ASN C 169 12.82 2.35 29.81
C ASN C 169 13.06 0.85 29.67
N GLN C 170 12.01 0.03 29.68
CA GLN C 170 12.15 -1.41 29.62
C GLN C 170 11.24 -1.97 28.53
N ILE C 171 11.82 -2.73 27.60
CA ILE C 171 11.06 -3.38 26.54
C ILE C 171 11.47 -4.84 26.45
N VAL C 172 10.48 -5.72 26.22
CA VAL C 172 10.69 -7.15 26.08
C VAL C 172 10.43 -7.53 24.63
N THR C 173 11.42 -8.20 24.00
CA THR C 173 11.28 -8.55 22.56
C THR C 173 11.34 -10.07 22.37
N SER C 174 10.59 -10.61 21.40
CA SER C 174 10.66 -12.06 21.07
C SER C 174 11.36 -12.21 19.72
N SER C 175 12.12 -13.29 19.51
CA SER C 175 12.90 -13.39 18.26
C SER C 175 12.79 -14.78 17.63
N GLY C 176 13.04 -14.88 16.32
CA GLY C 176 13.04 -16.19 15.63
C GLY C 176 14.33 -16.93 15.92
N ASP C 177 15.09 -16.49 16.93
CA ASP C 177 16.34 -17.19 17.33
C ASP C 177 16.02 -18.06 18.56
N THR C 178 14.73 -18.24 18.86
CA THR C 178 14.25 -19.10 19.98
C THR C 178 14.40 -18.40 21.33
N THR C 179 14.77 -17.11 21.36
CA THR C 179 15.05 -16.44 22.65
C THR C 179 14.27 -15.15 22.84
N CYS C 180 13.79 -14.86 24.05
CA CYS C 180 13.14 -13.57 24.37
C CYS C 180 14.12 -12.76 25.23
N ALA C 181 14.22 -11.44 25.04
CA ALA C 181 15.18 -10.60 25.75
C ALA C 181 14.47 -9.41 26.39
N LEU C 182 14.84 -9.11 27.63
CA LEU C 182 14.40 -7.91 28.32
C LEU C 182 15.54 -6.91 28.36
N TRP C 183 15.29 -5.71 27.83
CA TRP C 183 16.34 -4.73 27.58
C TRP C 183 16.22 -3.55 28.52
N ASP C 184 17.31 -2.79 28.57
CA ASP C 184 17.34 -1.47 29.18
C ASP C 184 17.54 -0.46 28.07
N ILE C 185 16.52 0.35 27.81
CA ILE C 185 16.56 1.21 26.62
C ILE C 185 17.62 2.28 26.76
N GLU C 186 17.81 2.81 27.97
CA GLU C 186 18.80 3.86 28.17
C GLU C 186 20.22 3.32 27.93
N THR C 187 20.56 2.21 28.60
CA THR C 187 21.91 1.65 28.45
C THR C 187 22.11 1.08 27.06
N GLY C 188 21.09 0.43 26.50
CA GLY C 188 21.21 -0.21 25.23
C GLY C 188 21.60 -1.66 25.28
N GLN C 189 21.51 -2.29 26.45
CA GLN C 189 21.96 -3.67 26.63
C GLN C 189 20.82 -4.49 27.22
N GLN C 190 20.75 -5.75 26.80
CA GLN C 190 19.69 -6.63 27.26
C GLN C 190 20.03 -7.16 28.64
N THR C 191 19.21 -6.81 29.63
CA THR C 191 19.50 -7.18 31.00
C THR C 191 19.17 -8.64 31.27
N THR C 192 18.21 -9.22 30.54
CA THR C 192 17.80 -10.61 30.83
C THR C 192 17.55 -11.36 29.52
N THR C 193 17.85 -12.66 29.47
CA THR C 193 17.53 -13.48 28.27
C THR C 193 16.74 -14.69 28.72
N PHE C 194 15.65 -15.01 28.01
CA PHE C 194 14.84 -16.22 28.33
C PHE C 194 15.16 -17.23 27.23
N THR C 195 15.80 -18.36 27.55
CA THR C 195 16.30 -19.27 26.47
C THR C 195 15.68 -20.66 26.43
N GLY C 196 14.64 -20.95 27.21
CA GLY C 196 14.10 -22.32 27.25
C GLY C 196 13.51 -22.81 25.92
N HIS C 197 13.07 -21.91 25.04
CA HIS C 197 12.35 -22.34 23.80
C HIS C 197 13.27 -23.05 22.78
N THR C 198 12.70 -23.96 21.97
CA THR C 198 13.48 -24.72 20.95
C THR C 198 13.14 -24.22 19.54
N GLY C 199 11.86 -23.95 19.25
CA GLY C 199 11.48 -23.35 17.95
C GLY C 199 11.46 -21.83 17.98
N ASP C 200 11.27 -21.18 16.84
CA ASP C 200 11.18 -19.70 16.74
C ASP C 200 9.98 -19.14 17.54
N VAL C 201 10.17 -18.05 18.29
CA VAL C 201 9.12 -17.43 19.08
C VAL C 201 8.43 -16.39 18.21
N MET C 202 7.11 -16.54 18.06
CA MET C 202 6.39 -15.69 17.12
C MET C 202 5.60 -14.59 17.79
N SER C 203 5.10 -14.83 19.01
CA SER C 203 4.22 -13.82 19.67
C SER C 203 4.59 -13.63 21.14
N LEU C 204 4.32 -12.43 21.68
CA LEU C 204 4.60 -12.12 23.10
C LEU C 204 3.40 -11.36 23.67
N SER C 205 3.06 -11.56 24.94
CA SER C 205 1.95 -10.80 25.58
C SER C 205 2.29 -10.52 27.04
N LEU C 206 2.13 -9.27 27.49
CA LEU C 206 2.48 -8.90 28.85
C LEU C 206 1.26 -8.96 29.76
N ALA C 207 1.47 -9.44 30.98
CA ALA C 207 0.40 -9.50 31.95
C ALA C 207 0.00 -8.08 32.35
N PRO C 208 -1.22 -7.92 32.86
CA PRO C 208 -1.63 -6.58 33.32
C PRO C 208 -0.71 -5.99 34.37
N ASP C 209 -0.19 -6.78 35.29
CA ASP C 209 0.71 -6.26 36.33
C ASP C 209 2.13 -6.07 35.84
N THR C 210 2.47 -6.53 34.63
CA THR C 210 3.81 -6.41 34.05
C THR C 210 4.88 -7.04 34.92
N ARG C 211 4.58 -8.22 35.48
CA ARG C 211 5.56 -9.02 36.19
C ARG C 211 5.72 -10.41 35.59
N LEU C 212 4.84 -10.82 34.68
CA LEU C 212 4.92 -12.08 33.99
C LEU C 212 4.57 -11.85 32.52
N PHE C 213 5.10 -12.69 31.64
CA PHE C 213 4.63 -12.66 30.27
C PHE C 213 4.61 -14.08 29.71
N VAL C 214 3.89 -14.25 28.61
CA VAL C 214 3.77 -15.54 27.94
C VAL C 214 4.27 -15.40 26.51
N SER C 215 5.00 -16.39 26.05
CA SER C 215 5.48 -16.40 24.66
C SER C 215 5.06 -17.69 23.98
N GLY C 216 4.67 -17.58 22.72
CA GLY C 216 4.28 -18.72 21.91
C GLY C 216 5.27 -18.91 20.79
N ALA C 217 5.61 -20.18 20.52
CA ALA C 217 6.71 -20.49 19.63
C ALA C 217 6.27 -21.44 18.53
N CYS C 218 7.18 -21.66 17.57
CA CYS C 218 7.01 -22.56 16.45
C CYS C 218 6.98 -24.02 16.87
N ASP C 219 7.38 -24.35 18.09
CA ASP C 219 7.34 -25.71 18.57
C ASP C 219 6.03 -26.05 19.27
N ALA C 220 4.99 -25.24 19.06
CA ALA C 220 3.65 -25.45 19.57
C ALA C 220 3.57 -25.37 21.10
N SER C 221 4.58 -24.83 21.76
CA SER C 221 4.58 -24.68 23.21
C SER C 221 4.51 -23.20 23.57
N ALA C 222 3.76 -22.90 24.64
CA ALA C 222 3.68 -21.53 25.17
C ALA C 222 4.29 -21.56 26.56
N LYS C 223 5.17 -20.62 26.89
CA LYS C 223 5.86 -20.66 28.21
C LYS C 223 5.61 -19.37 29.00
N LEU C 224 5.24 -19.48 30.28
CA LEU C 224 5.09 -18.28 31.16
C LEU C 224 6.45 -17.91 31.76
N TRP C 225 6.93 -16.70 31.50
CA TRP C 225 8.29 -16.32 31.97
C TRP C 225 8.18 -15.25 33.07
N ASP C 226 8.93 -15.39 34.16
CA ASP C 226 8.96 -14.32 35.19
C ASP C 226 9.95 -13.26 34.73
N VAL C 227 9.54 -11.99 34.73
CA VAL C 227 10.42 -10.91 34.18
C VAL C 227 11.57 -10.60 35.13
N ARG C 228 11.36 -10.72 36.45
CA ARG C 228 12.40 -10.30 37.38
C ARG C 228 13.44 -11.39 37.61
N GLU C 229 13.01 -12.66 37.74
CA GLU C 229 13.97 -13.74 37.93
C GLU C 229 14.63 -14.20 36.62
N GLY C 230 13.91 -14.23 35.50
CA GLY C 230 14.52 -14.62 34.25
C GLY C 230 14.42 -16.09 33.90
N MET C 231 13.53 -16.79 34.62
CA MET C 231 13.36 -18.24 34.40
C MET C 231 11.95 -18.49 33.87
N CYS C 232 11.65 -19.76 33.54
CA CYS C 232 10.34 -20.14 33.05
C CYS C 232 9.56 -20.82 34.17
N ARG C 233 8.36 -20.31 34.46
CA ARG C 233 7.57 -20.89 35.57
C ARG C 233 6.75 -22.07 35.05
N GLN C 234 6.19 -21.98 33.84
CA GLN C 234 5.29 -23.01 33.35
C GLN C 234 5.40 -23.14 31.84
N THR C 235 5.00 -24.31 31.33
CA THR C 235 4.98 -24.60 29.90
C THR C 235 3.70 -25.34 29.57
N PHE C 236 3.09 -25.00 28.43
CA PHE C 236 1.83 -25.59 27.98
C PHE C 236 2.02 -26.04 26.53
N THR C 237 1.51 -27.24 26.22
CA THR C 237 1.77 -27.90 24.94
C THR C 237 0.52 -28.53 24.33
N GLY C 238 -0.60 -27.80 24.31
CA GLY C 238 -1.86 -28.37 23.78
C GLY C 238 -1.94 -28.33 22.27
N HIS C 239 -1.24 -27.40 21.62
CA HIS C 239 -1.34 -27.23 20.14
C HIS C 239 -0.49 -28.26 19.37
N GLU C 240 -0.79 -28.41 18.07
CA GLU C 240 -0.11 -29.42 17.19
C GLU C 240 0.58 -28.72 16.02
N SER C 241 0.55 -27.38 15.98
CA SER C 241 1.22 -26.61 14.92
C SER C 241 1.71 -25.29 15.51
N ASP C 242 2.37 -24.46 14.71
CA ASP C 242 2.98 -23.22 15.24
C ASP C 242 1.95 -22.29 15.90
N ILE C 243 2.31 -21.71 17.06
CA ILE C 243 1.44 -20.71 17.72
C ILE C 243 1.84 -19.35 17.15
N ASN C 244 0.92 -18.65 16.50
CA ASN C 244 1.27 -17.38 15.80
C ASN C 244 0.77 -16.20 16.62
N ALA C 245 -0.08 -16.46 17.62
CA ALA C 245 -0.68 -15.35 18.40
C ALA C 245 -0.86 -15.74 19.86
N ILE C 246 -0.74 -14.77 20.78
CA ILE C 246 -0.93 -15.04 22.19
C ILE C 246 -1.43 -13.77 22.87
N CYS C 247 -2.30 -13.91 23.86
CA CYS C 247 -2.91 -12.77 24.52
C CYS C 247 -3.36 -13.16 25.93
N PHE C 248 -3.12 -12.29 26.89
CA PHE C 248 -3.61 -12.49 28.26
C PHE C 248 -5.08 -12.19 28.40
N PHE C 249 -5.75 -12.98 29.22
CA PHE C 249 -7.07 -12.63 29.68
C PHE C 249 -6.97 -11.42 30.61
N PRO C 250 -8.00 -10.56 30.65
CA PRO C 250 -7.91 -9.33 31.46
C PRO C 250 -7.60 -9.57 32.93
N ASN C 251 -8.07 -10.68 33.48
CA ASN C 251 -7.77 -11.01 34.87
C ASN C 251 -6.28 -11.20 35.08
N GLY C 252 -5.59 -11.78 34.11
CA GLY C 252 -4.20 -12.13 34.24
C GLY C 252 -3.95 -13.55 34.72
N ASN C 253 -5.00 -14.32 34.96
CA ASN C 253 -4.88 -15.71 35.40
C ASN C 253 -5.23 -16.69 34.30
N ALA C 254 -5.19 -16.26 33.03
CA ALA C 254 -5.46 -17.13 31.89
C ALA C 254 -4.86 -16.46 30.67
N PHE C 255 -4.78 -17.21 29.58
CA PHE C 255 -4.38 -16.62 28.30
C PHE C 255 -4.88 -17.48 27.16
N ALA C 256 -4.81 -16.94 25.95
CA ALA C 256 -5.29 -17.64 24.77
C ALA C 256 -4.25 -17.58 23.67
N THR C 257 -4.18 -18.68 22.91
CA THR C 257 -3.25 -18.85 21.80
C THR C 257 -3.99 -19.14 20.52
N GLY C 258 -3.43 -18.71 19.40
CA GLY C 258 -3.96 -19.03 18.10
C GLY C 258 -2.93 -19.70 17.21
N SER C 259 -3.30 -20.78 16.52
CA SER C 259 -2.27 -21.56 15.77
C SER C 259 -2.55 -21.73 14.28
N ASP C 260 -1.52 -22.20 13.55
CA ASP C 260 -1.65 -22.52 12.10
C ASP C 260 -2.71 -23.62 12.00
N ASP C 261 -2.75 -24.54 12.95
CA ASP C 261 -3.91 -25.46 12.99
C ASP C 261 -5.06 -24.50 13.28
N ALA C 262 -6.26 -24.73 12.76
CA ALA C 262 -7.33 -23.71 12.88
C ALA C 262 -7.79 -23.40 14.31
N THR C 263 -7.38 -24.16 15.31
CA THR C 263 -7.95 -23.97 16.68
C THR C 263 -7.33 -22.84 17.53
N CYS C 264 -8.14 -22.15 18.35
CA CYS C 264 -7.65 -21.22 19.39
C CYS C 264 -7.78 -21.97 20.70
N ARG C 265 -6.78 -21.90 21.56
CA ARG C 265 -6.80 -22.70 22.83
C ARG C 265 -6.67 -21.77 24.04
N LEU C 266 -7.52 -21.98 25.05
CA LEU C 266 -7.44 -21.16 26.30
C LEU C 266 -6.70 -21.96 27.37
N PHE C 267 -5.69 -21.38 28.00
CA PHE C 267 -4.89 -22.10 29.02
C PHE C 267 -4.91 -21.38 30.36
N ASP C 268 -5.28 -22.07 31.44
CA ASP C 268 -5.21 -21.46 32.79
C ASP C 268 -3.77 -21.41 33.28
N LEU C 269 -3.47 -20.58 34.27
CA LEU C 269 -2.10 -20.48 34.84
C LEU C 269 -2.04 -21.18 36.21
N ARG C 270 -3.17 -21.27 36.91
CA ARG C 270 -3.18 -21.89 38.24
C ARG C 270 -3.53 -23.38 38.15
N ALA C 271 -4.48 -23.73 37.29
CA ALA C 271 -4.77 -25.15 37.07
C ALA C 271 -3.71 -25.80 36.20
N ASP C 272 -3.02 -24.99 35.39
CA ASP C 272 -1.89 -25.48 34.54
C ASP C 272 -2.40 -26.48 33.49
N GLN C 273 -3.60 -26.24 32.93
CA GLN C 273 -4.18 -27.16 31.93
C GLN C 273 -4.93 -26.38 30.85
N GLU C 274 -5.10 -26.97 29.66
CA GLU C 274 -5.91 -26.31 28.61
C GLU C 274 -7.37 -26.35 29.05
N LEU C 275 -8.09 -25.24 28.85
CA LEU C 275 -9.49 -25.17 29.27
C LEU C 275 -10.47 -25.34 28.12
N MET C 276 -10.34 -24.58 27.03
CA MET C 276 -11.18 -24.80 25.86
C MET C 276 -10.42 -24.64 24.57
N THR C 277 -11.05 -25.16 23.52
CA THR C 277 -10.62 -25.05 22.14
C THR C 277 -11.75 -24.43 21.32
N TYR C 278 -11.39 -23.46 20.47
CA TYR C 278 -12.41 -22.74 19.67
C TYR C 278 -12.17 -23.08 18.20
N SER C 279 -12.91 -24.07 17.68
CA SER C 279 -12.67 -24.54 16.30
C SER C 279 -13.98 -24.73 15.54
N HIS C 280 -13.94 -24.64 14.21
CA HIS C 280 -15.15 -24.92 13.38
C HIS C 280 -14.70 -25.82 12.21
N ASP C 281 -15.53 -26.79 11.85
CA ASP C 281 -15.15 -27.75 10.77
C ASP C 281 -14.76 -26.97 9.51
N ASN C 282 -15.54 -25.93 9.18
CA ASN C 282 -15.28 -25.10 7.97
C ASN C 282 -13.92 -24.41 8.11
N ILE C 283 -13.59 -23.91 9.31
CA ILE C 283 -12.33 -23.16 9.52
C ILE C 283 -11.12 -24.10 9.41
N ILE C 284 -10.26 -23.89 8.40
CA ILE C 284 -9.04 -24.68 8.27
C ILE C 284 -7.81 -23.83 8.04
N CYS C 285 -7.93 -22.51 8.09
CA CYS C 285 -6.79 -21.64 7.83
C CYS C 285 -6.06 -21.27 9.12
N GLY C 286 -4.97 -20.53 8.97
CA GLY C 286 -4.22 -20.11 10.12
C GLY C 286 -4.81 -18.91 10.81
N ILE C 287 -4.41 -18.72 12.06
CA ILE C 287 -4.89 -17.63 12.89
C ILE C 287 -3.75 -16.65 13.07
N THR C 288 -3.89 -15.47 12.46
CA THR C 288 -2.82 -14.48 12.46
C THR C 288 -2.72 -13.73 13.78
N SER C 289 -3.86 -13.49 14.44
CA SER C 289 -3.86 -12.63 15.62
C SER C 289 -5.07 -12.95 16.48
N VAL C 290 -4.94 -12.72 17.77
CA VAL C 290 -5.99 -13.01 18.73
C VAL C 290 -5.98 -11.91 19.77
N SER C 291 -7.17 -11.57 20.28
CA SER C 291 -7.29 -10.54 21.31
C SER C 291 -8.62 -10.70 22.00
N PHE C 292 -8.74 -10.11 23.19
CA PHE C 292 -9.90 -10.26 24.03
C PHE C 292 -10.75 -8.99 24.02
N SER C 293 -11.94 -9.11 24.59
CA SER C 293 -12.75 -7.95 24.92
C SER C 293 -12.48 -7.53 26.36
N LYS C 294 -12.93 -6.31 26.71
CA LYS C 294 -12.58 -5.74 28.00
C LYS C 294 -13.10 -6.57 29.15
N SER C 295 -14.28 -7.16 29.00
CA SER C 295 -14.81 -8.02 30.04
C SER C 295 -14.24 -9.43 30.00
N GLY C 296 -13.53 -9.78 28.93
CA GLY C 296 -13.10 -11.14 28.73
C GLY C 296 -14.17 -12.10 28.28
N ARG C 297 -15.30 -11.59 27.78
CA ARG C 297 -16.37 -12.48 27.33
C ARG C 297 -16.24 -12.79 25.86
N LEU C 298 -15.72 -11.88 25.07
CA LEU C 298 -15.53 -12.11 23.66
C LEU C 298 -14.06 -12.32 23.38
N LEU C 299 -13.76 -13.29 22.53
CA LEU C 299 -12.41 -13.51 22.02
C LEU C 299 -12.46 -13.28 20.52
N LEU C 300 -11.68 -12.33 20.05
CA LEU C 300 -11.68 -11.96 18.65
C LEU C 300 -10.41 -12.47 18.00
N ALA C 301 -10.57 -13.25 16.95
CA ALA C 301 -9.44 -13.88 16.27
C ALA C 301 -9.46 -13.50 14.80
N GLY C 302 -8.29 -13.20 14.25
CA GLY C 302 -8.16 -12.87 12.83
C GLY C 302 -7.61 -14.05 12.06
N TYR C 303 -8.24 -14.36 10.94
CA TYR C 303 -7.95 -15.58 10.22
C TYR C 303 -7.35 -15.29 8.84
N ASP C 304 -6.91 -16.37 8.16
CA ASP C 304 -6.36 -16.22 6.79
C ASP C 304 -7.50 -16.45 5.78
N ASP C 305 -8.72 -16.69 6.27
CA ASP C 305 -9.89 -16.85 5.37
C ASP C 305 -10.37 -15.45 4.98
N PHE C 306 -9.57 -14.42 5.28
CA PHE C 306 -9.88 -13.01 4.90
C PHE C 306 -10.87 -12.36 5.89
N ASN C 307 -11.36 -13.10 6.89
CA ASN C 307 -12.40 -12.55 7.79
C ASN C 307 -12.06 -12.83 9.27
N CYS C 308 -12.53 -11.97 10.17
CA CYS C 308 -12.26 -12.16 11.64
C CYS C 308 -13.48 -12.79 12.30
N ASN C 309 -13.26 -13.62 13.33
CA ASN C 309 -14.36 -14.24 14.06
C ASN C 309 -14.38 -13.78 15.50
N VAL C 310 -15.57 -13.85 16.10
CA VAL C 310 -15.82 -13.40 17.46
C VAL C 310 -16.50 -14.54 18.18
N TRP C 311 -15.79 -15.11 19.17
CA TRP C 311 -16.20 -16.30 19.90
C TRP C 311 -16.61 -15.90 21.32
N ASP C 312 -17.71 -16.45 21.78
CA ASP C 312 -18.02 -16.36 23.20
C ASP C 312 -17.06 -17.25 23.97
N ALA C 313 -16.13 -16.64 24.71
CA ALA C 313 -15.02 -17.35 25.32
C ALA C 313 -15.45 -18.30 26.43
N LEU C 314 -16.69 -18.25 26.88
CA LEU C 314 -17.13 -19.11 27.97
C LEU C 314 -18.00 -20.28 27.51
N LYS C 315 -18.59 -20.20 26.32
CA LYS C 315 -19.32 -21.31 25.74
C LYS C 315 -18.66 -21.83 24.48
N ALA C 316 -17.65 -21.13 23.97
CA ALA C 316 -16.83 -21.59 22.85
C ALA C 316 -17.66 -21.73 21.57
N ASP C 317 -18.74 -20.98 21.48
CA ASP C 317 -19.59 -20.98 20.29
C ASP C 317 -19.44 -19.65 19.57
N ARG C 318 -19.28 -19.71 18.26
CA ARG C 318 -19.06 -18.50 17.48
C ARG C 318 -20.27 -17.59 17.60
N ALA C 319 -20.02 -16.29 17.71
CA ALA C 319 -21.07 -15.31 17.91
C ALA C 319 -21.07 -14.20 16.87
N GLY C 320 -19.98 -13.96 16.17
CA GLY C 320 -20.03 -12.93 15.15
C GLY C 320 -18.88 -13.00 14.18
N VAL C 321 -19.01 -12.24 13.09
CA VAL C 321 -18.00 -12.18 12.05
C VAL C 321 -17.70 -10.72 11.74
N LEU C 322 -16.50 -10.46 11.25
CA LEU C 322 -16.07 -9.14 10.78
C LEU C 322 -15.50 -9.38 9.39
N ALA C 323 -16.30 -9.10 8.35
CA ALA C 323 -16.00 -9.54 6.99
C ALA C 323 -15.61 -8.41 6.07
N GLY C 324 -15.12 -7.30 6.59
CA GLY C 324 -14.82 -6.17 5.74
C GLY C 324 -13.65 -6.39 4.81
N HIS C 325 -12.63 -7.12 5.26
CA HIS C 325 -11.37 -7.19 4.55
C HIS C 325 -11.43 -8.22 3.42
N ASP C 326 -10.63 -7.99 2.37
CA ASP C 326 -10.56 -8.90 1.25
C ASP C 326 -9.20 -9.54 1.09
N ASN C 327 -8.36 -9.47 2.12
CA ASN C 327 -7.10 -10.21 2.18
C ASN C 327 -6.92 -10.67 3.61
N ARG C 328 -5.78 -11.28 3.91
CA ARG C 328 -5.54 -11.85 5.26
C ARG C 328 -5.58 -10.73 6.30
N VAL C 329 -6.30 -10.95 7.41
CA VAL C 329 -6.33 -9.96 8.52
C VAL C 329 -5.04 -10.12 9.31
N SER C 330 -4.07 -9.23 9.12
CA SER C 330 -2.76 -9.40 9.76
C SER C 330 -2.70 -9.01 11.25
N CYS C 331 -3.39 -7.96 11.67
CA CYS C 331 -3.33 -7.48 13.07
C CYS C 331 -4.72 -7.15 13.60
N LEU C 332 -5.01 -7.51 14.84
CA LEU C 332 -6.30 -7.18 15.50
C LEU C 332 -5.94 -6.60 16.86
N GLY C 333 -6.46 -5.42 17.21
CA GLY C 333 -6.21 -4.82 18.55
C GLY C 333 -7.47 -4.18 19.09
N VAL C 334 -7.83 -4.45 20.34
CA VAL C 334 -9.00 -3.80 20.99
C VAL C 334 -8.47 -2.68 21.90
N THR C 335 -9.28 -1.65 22.19
CA THR C 335 -8.89 -0.50 23.00
C THR C 335 -8.89 -0.84 24.48
N ASP C 336 -8.28 0.05 25.28
CA ASP C 336 -8.20 -0.21 26.72
C ASP C 336 -9.54 -0.05 27.41
N ASP C 337 -10.43 0.80 26.88
CA ASP C 337 -11.78 0.90 27.42
C ASP C 337 -12.78 0.04 26.67
N GLY C 338 -12.41 -0.55 25.55
CA GLY C 338 -13.32 -1.48 24.86
C GLY C 338 -14.24 -0.80 23.89
N MET C 339 -13.97 0.47 23.59
CA MET C 339 -14.89 1.23 22.71
C MET C 339 -14.87 0.64 21.30
N ALA C 340 -13.71 0.23 20.79
CA ALA C 340 -13.65 -0.22 19.38
C ALA C 340 -12.69 -1.37 19.14
N VAL C 341 -12.68 -1.92 17.93
CA VAL C 341 -11.71 -3.01 17.55
C VAL C 341 -11.10 -2.58 16.23
N ALA C 342 -9.77 -2.42 16.18
CA ALA C 342 -9.16 -2.12 14.87
C ALA C 342 -8.66 -3.42 14.26
N THR C 343 -8.78 -3.58 12.94
CA THR C 343 -8.26 -4.76 12.23
C THR C 343 -7.44 -4.29 11.03
N GLY C 344 -6.18 -4.68 10.94
CA GLY C 344 -5.38 -4.36 9.78
C GLY C 344 -5.36 -5.55 8.85
N SER C 345 -4.76 -5.42 7.67
CA SER C 345 -4.84 -6.51 6.71
C SER C 345 -3.80 -6.32 5.62
N TRP C 346 -3.66 -7.35 4.80
CA TRP C 346 -2.71 -7.33 3.69
C TRP C 346 -3.22 -6.56 2.49
N ASP C 347 -4.48 -6.09 2.53
CA ASP C 347 -5.01 -5.21 1.51
C ASP C 347 -4.70 -3.74 1.78
N SER C 348 -4.00 -3.43 2.87
CA SER C 348 -3.44 -2.11 3.21
C SER C 348 -4.47 -1.13 3.74
N PHE C 349 -5.56 -1.58 4.36
CA PHE C 349 -6.52 -0.70 4.99
C PHE C 349 -6.74 -1.14 6.42
N LEU C 350 -6.87 -0.17 7.33
CA LEU C 350 -7.29 -0.50 8.69
C LEU C 350 -8.76 -0.18 8.81
N LYS C 351 -9.46 -0.92 9.64
CA LYS C 351 -10.87 -0.66 9.84
C LYS C 351 -11.17 -0.67 11.32
N ILE C 352 -11.95 0.31 11.77
CA ILE C 352 -12.37 0.39 13.15
C ILE C 352 -13.83 -0.04 13.22
N TRP C 353 -14.14 -0.90 14.18
CA TRP C 353 -15.44 -1.55 14.26
C TRP C 353 -16.04 -1.29 15.63
N ASN C 354 -17.35 -1.12 15.66
CA ASN C 354 -18.06 -0.92 16.91
C ASN C 354 -19.55 -1.17 16.71
N GLU D 27 16.44 -31.01 35.02
CA GLU D 27 16.36 -30.08 36.14
C GLU D 27 15.14 -29.16 35.99
N GLN D 28 14.94 -28.63 34.78
CA GLN D 28 13.81 -27.74 34.55
C GLN D 28 12.48 -28.46 34.74
N LEU D 29 12.35 -29.68 34.23
CA LEU D 29 11.11 -30.43 34.42
C LEU D 29 10.87 -30.76 35.88
N LYS D 30 11.91 -31.15 36.62
CA LYS D 30 11.72 -31.45 38.03
C LYS D 30 11.26 -30.21 38.79
N MET D 31 11.75 -29.04 38.39
CA MET D 31 11.34 -27.77 39.04
C MET D 31 9.89 -27.41 38.66
N GLU D 32 9.52 -27.63 37.40
CA GLU D 32 8.14 -27.33 36.93
C GLU D 32 7.12 -28.21 37.66
N ALA D 33 7.57 -29.36 38.18
CA ALA D 33 6.63 -30.32 38.82
C ALA D 33 6.16 -29.80 40.18
N ASN D 34 6.85 -28.83 40.78
CA ASN D 34 6.48 -28.37 42.15
C ASN D 34 5.45 -27.24 42.10
N ILE D 35 5.06 -26.79 40.90
CA ILE D 35 4.10 -25.65 40.78
C ILE D 35 2.77 -26.04 41.41
N ASP D 36 2.18 -25.14 42.21
CA ASP D 36 0.86 -25.42 42.87
C ASP D 36 -0.23 -25.48 41.79
N ARG D 37 -1.19 -26.39 41.94
CA ARG D 37 -2.25 -26.57 40.90
C ARG D 37 -3.64 -26.64 41.54
N ILE D 38 -4.36 -25.53 41.62
CA ILE D 38 -5.72 -25.53 42.13
C ILE D 38 -6.62 -26.26 41.14
N LYS D 39 -7.74 -26.77 41.65
CA LYS D 39 -8.64 -27.55 40.81
C LYS D 39 -9.31 -26.68 39.77
N VAL D 40 -9.73 -27.31 38.67
CA VAL D 40 -10.24 -26.56 37.53
C VAL D 40 -11.58 -25.91 37.84
N SER D 41 -12.31 -26.46 38.81
CA SER D 41 -13.56 -25.83 39.24
C SER D 41 -13.31 -24.43 39.79
N LYS D 42 -12.26 -24.27 40.60
CA LYS D 42 -11.95 -22.98 41.17
C LYS D 42 -11.61 -21.96 40.10
N ALA D 43 -10.81 -22.34 39.11
CA ALA D 43 -10.42 -21.41 38.07
C ALA D 43 -11.58 -21.08 37.15
N ALA D 44 -12.45 -22.06 36.88
CA ALA D 44 -13.66 -21.78 36.12
C ALA D 44 -14.54 -20.77 36.84
N ALA D 45 -14.71 -20.96 38.16
CA ALA D 45 -15.51 -20.02 38.93
C ALA D 45 -14.89 -18.63 38.90
N ASP D 46 -13.58 -18.53 39.04
CA ASP D 46 -12.93 -17.22 39.01
C ASP D 46 -13.12 -16.53 37.66
N LEU D 47 -12.96 -17.27 36.58
CA LEU D 47 -13.08 -16.67 35.25
C LEU D 47 -14.50 -16.19 35.00
N MET D 48 -15.48 -17.03 35.36
CA MET D 48 -16.88 -16.65 35.21
C MET D 48 -17.23 -15.43 36.06
N ALA D 49 -16.77 -15.42 37.32
CA ALA D 49 -17.07 -14.31 38.21
C ALA D 49 -16.45 -13.00 37.73
N TYR D 50 -15.22 -13.06 37.21
CA TYR D 50 -14.65 -11.86 36.62
C TYR D 50 -15.48 -11.37 35.46
N CYS D 51 -15.97 -12.27 34.61
CA CYS D 51 -16.80 -11.81 33.50
C CYS D 51 -18.09 -11.16 33.99
N GLU D 52 -18.70 -11.72 35.03
CA GLU D 52 -19.91 -11.11 35.58
C GLU D 52 -19.63 -9.75 36.18
N ALA D 53 -18.48 -9.58 36.84
CA ALA D 53 -18.22 -8.35 37.56
C ALA D 53 -18.04 -7.16 36.63
N HIS D 54 -17.43 -7.36 35.46
CA HIS D 54 -17.13 -6.26 34.54
C HIS D 54 -18.00 -6.31 33.30
N ALA D 55 -19.20 -6.89 33.39
CA ALA D 55 -20.05 -7.02 32.22
C ALA D 55 -20.56 -5.66 31.75
N LYS D 56 -20.97 -4.81 32.68
CA LYS D 56 -21.58 -3.53 32.31
C LYS D 56 -20.59 -2.61 31.60
N GLU D 57 -19.33 -2.62 32.03
CA GLU D 57 -18.33 -1.72 31.49
C GLU D 57 -17.87 -2.08 30.09
N ASP D 58 -18.40 -3.15 29.49
CA ASP D 58 -17.85 -3.68 28.25
C ASP D 58 -18.70 -3.19 27.07
N PRO D 59 -18.21 -2.27 26.25
CA PRO D 59 -19.06 -1.73 25.17
C PRO D 59 -19.38 -2.73 24.08
N LEU D 60 -18.44 -3.57 23.67
CA LEU D 60 -18.69 -4.45 22.53
C LEU D 60 -19.73 -5.50 22.85
N LEU D 61 -19.76 -5.96 24.10
CA LEU D 61 -20.75 -6.95 24.49
C LEU D 61 -22.14 -6.33 24.61
N THR D 62 -22.23 -5.16 25.23
CA THR D 62 -23.49 -4.43 25.35
C THR D 62 -23.31 -3.03 24.75
N PRO D 63 -23.76 -2.80 23.52
CA PRO D 63 -23.36 -1.57 22.81
C PRO D 63 -23.82 -0.31 23.51
N VAL D 64 -23.06 0.76 23.30
CA VAL D 64 -23.27 2.05 23.96
C VAL D 64 -24.22 2.90 23.12
N PRO D 65 -25.10 3.70 23.73
CA PRO D 65 -25.95 4.60 22.94
C PRO D 65 -25.12 5.58 22.14
N ALA D 66 -25.65 5.93 20.96
CA ALA D 66 -24.84 6.59 19.94
C ALA D 66 -24.35 7.96 20.38
N SER D 67 -24.98 8.57 21.38
CA SER D 67 -24.53 9.87 21.85
C SER D 67 -23.20 9.76 22.58
N GLU D 68 -22.96 8.62 23.22
CA GLU D 68 -21.73 8.39 23.99
C GLU D 68 -20.64 7.72 23.16
N ASN D 69 -20.99 7.29 21.94
CA ASN D 69 -20.04 6.54 21.08
C ASN D 69 -19.08 7.51 20.41
N PRO D 70 -17.76 7.43 20.70
CA PRO D 70 -16.76 8.30 20.08
C PRO D 70 -16.69 8.11 18.57
N PHE D 71 -16.95 6.89 18.09
CA PHE D 71 -16.89 6.59 16.63
C PHE D 71 -18.29 6.76 16.03
N ARG D 72 -18.43 7.58 14.99
CA ARG D 72 -19.75 7.92 14.43
C ARG D 72 -20.68 8.41 15.54
N GLU D 73 -20.36 9.56 16.11
CA GLU D 73 -21.14 10.14 17.20
C GLU D 73 -22.63 10.21 16.88
N ASP E 39 19.20 25.30 21.60
CA ASP E 39 18.13 24.46 21.07
C ASP E 39 17.24 25.23 20.10
N VAL E 40 15.94 25.31 20.42
CA VAL E 40 14.95 26.00 19.53
C VAL E 40 15.17 27.50 19.65
N GLN E 41 15.55 28.16 18.57
CA GLN E 41 15.71 29.62 18.59
C GLN E 41 14.97 30.28 17.43
N LEU E 42 14.09 31.26 17.70
CA LEU E 42 13.47 32.10 16.62
C LEU E 42 14.05 33.50 16.88
N VAL E 43 14.74 34.09 15.91
CA VAL E 43 15.38 35.43 16.08
C VAL E 43 14.93 36.35 14.95
N GLU E 44 13.95 37.23 15.20
CA GLU E 44 13.42 38.11 14.14
C GLU E 44 14.34 39.30 13.87
N SER E 45 14.21 39.92 12.68
CA SER E 45 15.05 41.08 12.30
C SER E 45 14.28 41.95 11.32
N GLY E 46 14.55 43.26 11.27
CA GLY E 46 13.89 44.11 10.25
C GLY E 46 13.23 45.36 10.84
N GLY E 47 13.29 45.53 12.16
CA GLY E 47 12.67 46.69 12.78
C GLY E 47 13.57 47.91 12.75
N GLY E 48 12.97 49.07 13.00
CA GLY E 48 13.72 50.31 13.00
C GLY E 48 12.79 51.50 12.93
N LEU E 49 13.37 52.64 12.58
CA LEU E 49 12.62 53.89 12.46
C LEU E 49 12.20 54.08 11.00
N VAL E 50 10.89 54.06 10.75
CA VAL E 50 10.34 54.13 9.41
C VAL E 50 9.51 55.40 9.29
N GLN E 51 9.74 56.15 8.21
CA GLN E 51 8.93 57.33 7.93
C GLN E 51 7.50 56.92 7.60
N PRO E 52 6.51 57.67 8.08
CA PRO E 52 5.12 57.25 7.86
C PRO E 52 4.79 57.17 6.38
N GLY E 53 3.95 56.19 6.03
CA GLY E 53 3.60 55.94 4.65
C GLY E 53 4.57 55.07 3.89
N GLY E 54 5.70 54.70 4.50
CA GLY E 54 6.64 53.81 3.85
C GLY E 54 6.25 52.35 3.98
N SER E 55 7.23 51.49 3.70
CA SER E 55 7.01 50.03 3.80
C SER E 55 8.22 49.38 4.47
N ARG E 56 8.01 48.36 5.32
CA ARG E 56 9.14 47.63 5.95
C ARG E 56 8.89 46.12 5.89
N LYS E 57 9.93 45.31 5.76
CA LYS E 57 9.76 43.83 5.75
C LYS E 57 10.49 43.21 6.95
N LEU E 58 9.77 42.46 7.77
CA LEU E 58 10.31 41.79 8.93
C LEU E 58 10.58 40.34 8.55
N SER E 59 11.48 39.67 9.29
CA SER E 59 11.79 38.25 9.02
C SER E 59 12.29 37.54 10.28
N CYS E 60 11.69 36.39 10.65
CA CYS E 60 12.20 35.60 11.80
C CYS E 60 12.95 34.37 11.29
N SER E 61 14.23 34.21 11.66
CA SER E 61 15.03 33.03 11.25
C SER E 61 14.90 31.93 12.32
N ALA E 62 14.55 30.72 11.92
CA ALA E 62 14.30 29.62 12.84
C ALA E 62 15.46 28.64 12.85
N SER E 63 15.72 28.06 14.02
CA SER E 63 16.81 27.11 14.20
C SER E 63 16.40 26.07 15.23
N GLY E 64 16.87 24.85 15.03
CA GLY E 64 16.73 23.82 16.05
C GLY E 64 15.41 23.10 16.09
N PHE E 65 14.58 23.20 15.05
CA PHE E 65 13.33 22.45 15.03
C PHE E 65 12.89 22.30 13.57
N ALA E 66 11.92 21.41 13.37
CA ALA E 66 11.39 21.12 12.04
C ALA E 66 10.48 22.26 11.62
N PHE E 67 11.08 23.32 11.09
CA PHE E 67 10.32 24.54 10.78
C PHE E 67 9.19 24.25 9.81
N SER E 68 9.45 23.41 8.81
CA SER E 68 8.46 23.16 7.75
C SER E 68 7.17 22.56 8.30
N SER E 69 7.22 21.94 9.46
CA SER E 69 6.03 21.30 10.01
C SER E 69 5.33 22.14 11.05
N PHE E 70 5.76 23.39 11.23
CA PHE E 70 5.16 24.29 12.20
C PHE E 70 4.45 25.42 11.47
N GLY E 71 3.19 25.66 11.86
CA GLY E 71 2.53 26.89 11.47
C GLY E 71 3.08 28.07 12.23
N MET E 72 2.97 29.26 11.66
CA MET E 72 3.57 30.45 12.25
C MET E 72 2.53 31.54 12.43
N HIS E 73 2.73 32.36 13.45
CA HIS E 73 1.94 33.55 13.71
C HIS E 73 2.87 34.72 13.91
N TRP E 74 2.40 35.90 13.58
CA TRP E 74 2.99 37.15 14.05
C TRP E 74 2.01 37.77 15.03
N VAL E 75 2.51 38.13 16.21
CA VAL E 75 1.75 38.85 17.23
C VAL E 75 2.53 40.12 17.50
N ARG E 76 1.83 41.17 17.95
CA ARG E 76 2.53 42.48 18.21
C ARG E 76 2.05 43.06 19.55
N GLN E 77 2.94 43.78 20.24
CA GLN E 77 2.60 44.38 21.55
C GLN E 77 2.79 45.90 21.48
N ALA E 78 1.80 46.67 21.93
CA ALA E 78 1.87 48.16 21.89
C ALA E 78 2.95 48.65 22.88
N PRO E 79 3.51 49.90 22.78
CA PRO E 79 4.61 50.29 23.67
C PRO E 79 4.27 50.09 25.16
N GLU E 80 3.04 50.40 25.59
CA GLU E 80 2.71 50.30 27.03
C GLU E 80 1.42 49.49 27.21
N LYS E 81 0.74 49.15 26.11
CA LYS E 81 -0.52 48.38 26.18
C LYS E 81 -0.26 46.87 26.06
N GLY E 82 -1.33 46.07 26.00
CA GLY E 82 -1.19 44.60 25.87
C GLY E 82 -0.76 44.16 24.49
N LEU E 83 -1.11 42.94 24.08
CA LEU E 83 -0.62 42.41 22.81
C LEU E 83 -1.77 41.87 21.97
N GLU E 84 -1.64 42.01 20.65
CA GLU E 84 -2.69 41.70 19.71
C GLU E 84 -2.17 40.84 18.55
N TRP E 85 -3.01 39.93 18.10
CA TRP E 85 -2.65 39.02 17.01
C TRP E 85 -2.63 39.75 15.68
N VAL E 86 -1.69 39.39 14.81
CA VAL E 86 -1.47 40.08 13.55
C VAL E 86 -1.71 39.17 12.35
N ALA E 87 -1.05 38.02 12.31
CA ALA E 87 -1.17 37.19 11.11
C ALA E 87 -0.86 35.74 11.44
N TYR E 88 -1.30 34.84 10.54
CA TYR E 88 -1.09 33.40 10.70
C TYR E 88 -0.93 32.73 9.36
N ILE E 89 0.21 32.08 9.13
CA ILE E 89 0.44 31.27 7.94
C ILE E 89 0.54 29.81 8.35
N SER E 90 -0.08 28.94 7.56
CA SER E 90 -0.20 27.54 7.94
C SER E 90 1.03 26.74 7.53
N SER E 91 1.07 25.49 7.98
CA SER E 91 2.11 24.57 7.54
C SER E 91 1.82 24.09 6.12
N GLY E 92 2.77 24.30 5.21
CA GLY E 92 2.52 24.09 3.82
C GLY E 92 1.90 25.27 3.11
N SER E 93 1.70 26.39 3.80
CA SER E 93 1.26 27.66 3.24
C SER E 93 -0.15 27.61 2.67
N GLY E 94 -0.92 26.57 2.98
CA GLY E 94 -2.23 26.43 2.37
C GLY E 94 -3.26 27.40 2.91
N THR E 95 -3.06 27.88 4.13
CA THR E 95 -4.01 28.77 4.79
C THR E 95 -3.29 30.00 5.32
N ILE E 96 -3.91 31.16 5.17
CA ILE E 96 -3.38 32.41 5.68
C ILE E 96 -4.55 33.21 6.24
N TYR E 97 -4.42 33.77 7.45
CA TYR E 97 -5.47 34.63 8.02
C TYR E 97 -4.80 35.93 8.45
N TYR E 98 -5.40 37.09 8.17
CA TYR E 98 -4.83 38.38 8.64
C TYR E 98 -5.78 39.04 9.63
N ALA E 99 -5.28 39.96 10.45
CA ALA E 99 -6.14 40.69 11.40
C ALA E 99 -6.98 41.70 10.61
N ASP E 100 -8.24 41.90 10.99
CA ASP E 100 -9.14 42.80 10.22
C ASP E 100 -8.51 44.19 10.15
N THR E 101 -7.76 44.57 11.19
CA THR E 101 -7.12 45.92 11.25
C THR E 101 -6.10 46.06 10.11
N VAL E 102 -5.34 45.01 9.80
CA VAL E 102 -4.24 45.16 8.81
C VAL E 102 -4.49 44.30 7.56
N LYS E 103 -5.67 43.71 7.42
CA LYS E 103 -5.99 42.87 6.23
C LYS E 103 -5.93 43.76 4.99
N GLY E 104 -5.08 43.42 4.02
CA GLY E 104 -5.00 44.17 2.76
C GLY E 104 -3.81 45.10 2.70
N ARG E 105 -3.16 45.37 3.82
CA ARG E 105 -1.93 46.19 3.78
C ARG E 105 -0.75 45.33 4.25
N PHE E 106 -1.03 44.15 4.79
CA PHE E 106 0.04 43.28 5.29
C PHE E 106 0.09 41.99 4.48
N THR E 107 1.28 41.38 4.42
CA THR E 107 1.47 40.11 3.72
C THR E 107 2.45 39.23 4.47
N ILE E 108 2.10 37.95 4.62
CA ILE E 108 2.91 36.99 5.36
C ILE E 108 3.36 35.89 4.40
N SER E 109 4.63 35.51 4.48
CA SER E 109 5.15 34.46 3.61
C SER E 109 6.22 33.66 4.36
N ARG E 110 6.46 32.42 3.92
CA ARG E 110 7.47 31.55 4.58
C ARG E 110 8.35 30.87 3.53
N ASP E 111 9.67 30.98 3.68
CA ASP E 111 10.58 30.20 2.79
C ASP E 111 10.91 28.92 3.55
N ASP E 112 10.10 27.87 3.38
CA ASP E 112 10.28 26.62 4.18
C ASP E 112 11.67 26.02 3.94
N PRO E 113 12.23 25.93 2.70
CA PRO E 113 13.59 25.43 2.53
C PRO E 113 14.67 26.27 3.23
N LYS E 114 14.54 27.60 3.19
CA LYS E 114 15.58 28.49 3.78
C LYS E 114 15.29 28.73 5.26
N ASN E 115 14.19 28.18 5.79
CA ASN E 115 13.82 28.29 7.23
C ASN E 115 13.66 29.76 7.65
N THR E 116 12.85 30.55 6.93
CA THR E 116 12.60 31.95 7.29
C THR E 116 11.13 32.28 7.16
N LEU E 117 10.69 33.29 7.91
CA LEU E 117 9.32 33.79 7.85
C LEU E 117 9.34 35.30 7.65
N PHE E 118 8.72 35.77 6.58
CA PHE E 118 8.71 37.18 6.20
C PHE E 118 7.32 37.78 6.44
N LEU E 119 7.32 39.09 6.75
CA LEU E 119 6.03 39.82 6.94
C LEU E 119 6.16 41.18 6.24
N GLN E 120 5.73 41.27 4.98
CA GLN E 120 5.76 42.56 4.23
C GLN E 120 4.72 43.52 4.84
N MET E 121 5.09 44.79 5.01
CA MET E 121 4.14 45.80 5.56
C MET E 121 4.15 47.02 4.64
N THR E 122 2.97 47.47 4.18
CA THR E 122 2.83 48.59 3.28
C THR E 122 1.85 49.61 3.86
N SER E 123 2.03 50.87 3.45
CA SER E 123 1.17 51.96 3.90
C SER E 123 1.20 52.07 5.42
N LEU E 124 2.40 52.23 5.99
CA LEU E 124 2.56 52.20 7.47
C LEU E 124 1.84 53.32 8.20
N ARG E 125 0.75 53.00 8.92
CA ARG E 125 0.01 53.98 9.76
C ARG E 125 0.72 54.11 11.11
N SER E 126 0.28 55.05 11.96
CA SER E 126 0.94 55.29 13.28
C SER E 126 0.42 54.30 14.33
N GLU E 127 -0.44 53.37 13.93
CA GLU E 127 -0.89 52.30 14.88
C GLU E 127 0.03 51.10 14.69
N ASP E 128 1.04 51.24 13.83
CA ASP E 128 1.99 50.14 13.56
C ASP E 128 3.25 50.30 14.42
N THR E 129 3.24 51.20 15.40
CA THR E 129 4.36 51.25 16.33
C THR E 129 4.18 50.15 17.35
N ALA E 130 5.02 49.11 17.28
CA ALA E 130 4.83 47.95 18.18
C ALA E 130 6.06 47.04 18.20
N MET E 131 6.04 46.00 19.05
CA MET E 131 7.14 45.00 19.08
C MET E 131 6.59 43.74 18.41
N TYR E 132 7.24 43.26 17.35
CA TYR E 132 6.67 42.11 16.58
C TYR E 132 7.30 40.79 16.97
N TYR E 133 6.49 39.85 17.50
CA TYR E 133 7.01 38.56 18.01
C TYR E 133 6.59 37.38 17.13
N CYS E 134 7.55 36.65 16.55
CA CYS E 134 7.27 35.43 15.76
C CYS E 134 6.86 34.32 16.73
N VAL E 135 5.80 33.56 16.45
CA VAL E 135 5.31 32.51 17.38
C VAL E 135 5.00 31.23 16.62
N ARG E 136 5.68 30.14 16.93
CA ARG E 136 5.46 28.86 16.27
C ARG E 136 4.33 28.11 16.96
N SER E 137 3.59 27.33 16.18
CA SER E 137 2.50 26.53 16.73
C SER E 137 2.26 25.33 15.83
N ILE E 138 1.94 24.18 16.44
CA ILE E 138 1.71 22.94 15.72
C ILE E 138 0.39 22.35 16.18
N TYR E 139 -0.40 21.85 15.24
CA TYR E 139 -1.76 21.42 15.54
C TYR E 139 -1.94 19.97 15.13
N TYR E 140 -2.00 19.09 16.12
CA TYR E 140 -2.48 17.73 15.96
C TYR E 140 -3.08 17.32 17.29
N TYR E 141 -3.64 16.13 17.35
CA TYR E 141 -4.29 15.71 18.58
C TYR E 141 -3.30 15.68 19.72
N GLY E 142 -3.41 16.63 20.64
CA GLY E 142 -2.61 16.65 21.84
C GLY E 142 -1.43 17.58 21.84
N SER E 143 -1.23 18.36 20.79
CA SER E 143 -0.09 19.26 20.76
C SER E 143 -0.35 20.52 21.57
N SER E 144 0.71 21.30 21.77
CA SER E 144 0.63 22.54 22.50
C SER E 144 0.98 23.70 21.57
N PRO E 145 0.01 24.43 21.06
CA PRO E 145 0.33 25.60 20.22
C PRO E 145 0.88 26.75 21.05
N PHE E 146 1.52 27.68 20.33
CA PHE E 146 2.07 28.91 20.92
C PHE E 146 3.08 28.61 22.01
N ASP E 147 3.88 27.56 21.82
CA ASP E 147 4.76 27.11 22.89
C ASP E 147 6.07 27.88 22.90
N PHE E 148 6.54 28.31 21.74
CA PHE E 148 7.79 29.06 21.67
C PHE E 148 7.57 30.38 20.96
N TRP E 149 7.98 31.47 21.61
CA TRP E 149 7.91 32.81 21.06
C TRP E 149 9.30 33.34 20.82
N GLY E 150 9.43 34.23 19.83
CA GLY E 150 10.75 34.81 19.51
C GLY E 150 11.07 36.05 20.35
N GLN E 151 12.30 36.56 20.24
CA GLN E 151 12.72 37.74 21.04
C GLN E 151 11.91 38.99 20.65
N GLY E 152 11.66 39.20 19.35
CA GLY E 152 10.84 40.34 18.91
C GLY E 152 11.64 41.49 18.34
N THR E 153 11.10 42.21 17.35
CA THR E 153 11.75 43.41 16.83
C THR E 153 10.90 44.63 17.11
N THR E 154 11.55 45.78 17.28
CA THR E 154 10.88 47.03 17.56
C THR E 154 10.65 47.79 16.26
N LEU E 155 9.41 48.24 16.03
CA LEU E 155 9.07 49.08 14.88
C LEU E 155 8.45 50.38 15.39
N THR E 156 9.05 51.50 15.01
CA THR E 156 8.54 52.82 15.35
C THR E 156 8.36 53.63 14.08
N VAL E 157 7.18 54.25 13.94
CA VAL E 157 6.87 55.16 12.86
C VAL E 157 6.60 56.53 13.46
N SER E 158 7.33 57.53 13.00
CA SER E 158 7.17 58.87 13.55
C SER E 158 5.86 59.50 13.09
N ASP E 175 -16.82 39.40 16.74
CA ASP E 175 -15.79 38.48 17.21
C ASP E 175 -15.91 38.34 18.72
N ILE E 176 -14.90 37.72 19.33
CA ILE E 176 -14.86 37.52 20.77
C ILE E 176 -13.94 38.56 21.38
N VAL E 177 -14.37 39.16 22.47
CA VAL E 177 -13.51 40.04 23.26
C VAL E 177 -13.26 39.36 24.59
N MET E 178 -12.00 39.31 25.00
CA MET E 178 -11.60 38.64 26.23
C MET E 178 -11.19 39.73 27.21
N THR E 179 -11.80 39.74 28.38
CA THR E 179 -11.61 40.82 29.33
C THR E 179 -11.11 40.30 30.67
N GLN E 180 -10.11 40.97 31.22
CA GLN E 180 -9.66 40.77 32.58
C GLN E 180 -9.88 42.05 33.34
N ALA E 181 -10.73 42.01 34.37
CA ALA E 181 -11.18 43.20 35.06
C ALA E 181 -10.22 43.63 36.16
N THR E 182 -8.96 43.24 36.06
CA THR E 182 -7.96 43.61 37.05
C THR E 182 -6.64 43.83 36.34
N SER E 183 -5.87 44.80 36.80
CA SER E 183 -4.60 45.15 36.18
C SER E 183 -3.44 45.25 37.15
N SER E 184 -3.66 45.08 38.46
CA SER E 184 -2.58 45.20 39.43
C SER E 184 -2.97 44.42 40.68
N VAL E 185 -2.28 43.31 40.93
CA VAL E 185 -2.47 42.52 42.14
C VAL E 185 -1.11 42.28 42.80
N PRO E 186 -0.66 43.15 43.70
CA PRO E 186 0.61 42.92 44.40
C PRO E 186 0.43 41.94 45.55
N VAL E 187 1.18 40.83 45.51
CA VAL E 187 1.05 39.76 46.49
C VAL E 187 2.44 39.39 46.98
N THR E 188 2.56 39.11 48.29
CA THR E 188 3.80 38.64 48.85
C THR E 188 4.03 37.17 48.49
N PRO E 189 5.29 36.75 48.38
CA PRO E 189 5.56 35.34 48.07
C PRO E 189 5.00 34.41 49.14
N GLY E 190 4.49 33.26 48.69
CA GLY E 190 3.94 32.26 49.58
C GLY E 190 2.42 32.23 49.65
N GLU E 191 1.73 33.10 48.94
CA GLU E 191 0.27 33.17 48.99
C GLU E 191 -0.33 32.79 47.64
N SER E 192 -1.42 32.03 47.68
CA SER E 192 -2.13 31.68 46.46
C SER E 192 -2.68 32.93 45.79
N VAL E 193 -2.55 32.98 44.46
CA VAL E 193 -3.05 34.09 43.66
C VAL E 193 -3.95 33.52 42.58
N SER E 194 -5.18 34.03 42.50
CA SER E 194 -6.12 33.60 41.46
C SER E 194 -6.38 34.77 40.52
N ILE E 195 -6.10 34.56 39.24
CA ILE E 195 -6.40 35.51 38.18
C ILE E 195 -7.64 35.05 37.46
N SER E 196 -8.48 35.99 37.04
CA SER E 196 -9.72 35.67 36.37
C SER E 196 -9.74 36.29 34.97
N CYS E 197 -10.54 35.69 34.10
CA CYS E 197 -10.66 36.16 32.73
C CYS E 197 -12.03 35.72 32.21
N ARG E 198 -12.74 36.61 31.53
CA ARG E 198 -14.08 36.33 31.06
C ARG E 198 -14.14 36.38 29.54
N SER E 199 -15.10 35.66 28.97
CA SER E 199 -15.25 35.58 27.53
C SER E 199 -16.63 36.06 27.10
N SER E 200 -16.71 36.55 25.86
CA SER E 200 -17.98 36.96 25.28
C SER E 200 -18.94 35.79 25.13
N LYS E 201 -18.50 34.72 24.47
CA LYS E 201 -19.32 33.52 24.34
C LYS E 201 -18.57 32.35 24.93
N SER E 202 -19.25 31.21 24.97
CA SER E 202 -18.63 30.00 25.50
C SER E 202 -17.46 29.60 24.62
N LEU E 203 -16.30 29.38 25.26
CA LEU E 203 -15.13 28.87 24.57
C LEU E 203 -15.13 27.35 24.49
N LEU E 204 -16.10 26.69 25.11
CA LEU E 204 -16.21 25.24 25.04
C LEU E 204 -16.81 24.85 23.70
N HIS E 205 -16.04 24.12 22.91
CA HIS E 205 -16.53 23.63 21.63
C HIS E 205 -17.29 22.33 21.83
N SER E 206 -17.99 21.91 20.78
CA SER E 206 -18.74 20.66 20.82
C SER E 206 -17.85 19.45 21.01
N ASN E 207 -16.59 19.55 20.56
CA ASN E 207 -15.61 18.44 20.73
C ASN E 207 -15.15 18.36 22.20
N GLY E 208 -15.69 19.21 23.07
CA GLY E 208 -15.37 19.15 24.51
C GLY E 208 -14.10 19.89 24.88
N ASN E 209 -13.50 20.63 23.94
CA ASN E 209 -12.22 21.33 24.22
C ASN E 209 -12.50 22.82 24.47
N THR E 210 -11.99 23.37 25.58
CA THR E 210 -12.15 24.80 25.85
C THR E 210 -10.85 25.50 25.47
N TYR E 211 -10.90 26.30 24.41
CA TYR E 211 -9.69 26.85 23.78
C TYR E 211 -9.26 28.15 24.44
N LEU E 212 -8.79 28.05 25.68
CA LEU E 212 -8.23 29.17 26.41
C LEU E 212 -6.77 28.91 26.76
N TYR E 213 -5.89 29.83 26.40
CA TYR E 213 -4.46 29.67 26.67
C TYR E 213 -4.05 30.75 27.65
N TRP E 214 -3.20 30.41 28.61
CA TRP E 214 -2.65 31.39 29.54
C TRP E 214 -1.16 31.54 29.31
N PHE E 215 -0.70 32.78 29.11
CA PHE E 215 0.74 33.08 28.91
C PHE E 215 1.25 33.98 30.04
N LEU E 216 2.55 34.24 30.11
CA LEU E 216 3.15 35.12 31.14
C LEU E 216 4.17 36.04 30.47
N GLN E 217 4.29 37.30 30.91
CA GLN E 217 5.35 38.18 30.35
C GLN E 217 6.21 38.78 31.46
N ARG E 218 7.40 38.23 31.69
CA ARG E 218 8.38 38.71 32.65
C ARG E 218 9.03 39.99 32.13
N PRO E 219 9.29 40.95 33.01
CA PRO E 219 9.80 42.25 32.55
C PRO E 219 11.12 42.12 31.82
N GLY E 220 11.13 42.56 30.56
CA GLY E 220 12.36 42.47 29.73
C GLY E 220 12.50 41.10 29.09
N GLN E 221 11.42 40.30 29.11
CA GLN E 221 11.47 38.91 28.55
C GLN E 221 10.27 38.70 27.63
N SER E 222 10.38 37.76 26.68
CA SER E 222 9.29 37.49 25.71
C SER E 222 8.15 36.70 26.39
N PRO E 223 6.88 36.68 25.90
CA PRO E 223 5.85 35.87 26.52
C PRO E 223 6.21 34.39 26.46
N GLN E 224 5.60 33.62 27.34
CA GLN E 224 5.91 32.20 27.45
C GLN E 224 4.65 31.46 27.86
N LEU E 225 4.37 30.30 27.25
CA LEU E 225 3.10 29.56 27.50
C LEU E 225 3.11 28.86 28.85
N LEU E 226 2.03 29.02 29.63
CA LEU E 226 1.91 28.36 30.95
C LEU E 226 0.87 27.25 30.86
N ILE E 227 -0.29 27.54 30.28
CA ILE E 227 -1.40 26.55 30.24
C ILE E 227 -2.10 26.65 28.90
N TYR E 228 -2.45 25.53 28.28
CA TYR E 228 -3.18 25.48 27.02
C TYR E 228 -4.42 24.63 27.17
N ARG E 229 -5.50 25.10 26.54
CA ARG E 229 -6.82 24.49 26.60
C ARG E 229 -7.32 24.33 28.03
N MET E 230 -7.11 25.39 28.81
CA MET E 230 -7.80 25.68 30.08
C MET E 230 -7.27 24.79 31.21
N SER E 231 -6.60 23.67 30.94
CA SER E 231 -6.14 22.85 32.05
C SER E 231 -4.71 22.36 31.87
N ASN E 232 -4.35 22.00 30.64
CA ASN E 232 -3.06 21.38 30.40
C ASN E 232 -1.92 22.34 30.67
N LEU E 233 -0.85 21.83 31.26
CA LEU E 233 0.36 22.60 31.52
C LEU E 233 1.40 22.37 30.43
N ALA E 234 2.01 23.45 29.98
CA ALA E 234 3.06 23.34 28.99
C ALA E 234 4.27 22.65 29.59
N SER E 235 5.15 22.16 28.72
CA SER E 235 6.32 21.43 29.18
C SER E 235 7.36 22.37 29.74
N GLY E 236 7.83 22.07 30.95
CA GLY E 236 8.85 22.87 31.59
C GLY E 236 8.33 23.92 32.54
N VAL E 237 7.03 23.94 32.82
CA VAL E 237 6.50 24.90 33.78
C VAL E 237 6.27 24.19 35.10
N PRO E 238 6.50 24.86 36.23
CA PRO E 238 6.36 24.20 37.54
C PRO E 238 4.91 23.82 37.81
N ASP E 239 4.71 22.78 38.61
CA ASP E 239 3.32 22.29 38.85
C ASP E 239 2.59 23.26 39.78
N ARG E 240 3.24 24.35 40.17
CA ARG E 240 2.57 25.38 41.02
C ARG E 240 1.41 26.01 40.25
N PHE E 241 1.57 26.24 38.95
CA PHE E 241 0.51 26.87 38.12
C PHE E 241 -0.60 25.85 37.78
N SER E 242 -1.86 26.21 38.01
CA SER E 242 -3.02 25.35 37.67
C SER E 242 -4.11 26.22 37.03
N GLY E 243 -4.96 25.64 36.20
CA GLY E 243 -6.01 26.42 35.51
C GLY E 243 -7.35 25.71 35.58
N SER E 244 -8.43 26.45 35.82
CA SER E 244 -9.77 25.82 35.95
C SER E 244 -10.85 26.84 35.57
N GLY E 245 -11.66 26.54 34.56
CA GLY E 245 -12.64 27.54 34.10
C GLY E 245 -13.96 26.96 33.66
N SER E 246 -15.04 27.75 33.73
CA SER E 246 -16.35 27.33 33.19
C SER E 246 -16.40 27.73 31.72
N GLY E 247 -17.57 27.67 31.08
CA GLY E 247 -17.63 27.98 29.64
C GLY E 247 -17.20 29.40 29.34
N THR E 248 -17.62 30.39 30.15
CA THR E 248 -17.28 31.81 29.85
C THR E 248 -16.32 32.41 30.89
N ALA E 249 -16.18 31.78 32.06
CA ALA E 249 -15.33 32.37 33.14
C ALA E 249 -14.16 31.45 33.43
N PHE E 250 -12.93 31.98 33.52
CA PHE E 250 -11.74 31.10 33.69
C PHE E 250 -10.85 31.64 34.82
N THR E 251 -10.15 30.74 35.52
CA THR E 251 -9.29 31.17 36.66
C THR E 251 -7.92 30.47 36.65
N LEU E 252 -6.82 31.22 36.75
CA LEU E 252 -5.46 30.60 36.84
C LEU E 252 -4.95 30.79 38.28
N THR E 253 -4.56 29.72 38.97
CA THR E 253 -4.14 29.81 40.39
C THR E 253 -2.66 29.47 40.54
N ILE E 254 -1.89 30.36 41.17
CA ILE E 254 -0.43 30.09 41.42
C ILE E 254 -0.22 29.84 42.91
N SER E 255 -0.11 28.57 43.33
CA SER E 255 0.16 28.24 44.72
C SER E 255 1.65 28.38 45.01
N ARG E 256 1.98 28.75 46.24
CA ARG E 256 3.35 28.97 46.67
C ARG E 256 4.04 29.98 45.74
N LEU E 257 3.47 31.18 45.66
CA LEU E 257 4.02 32.23 44.75
C LEU E 257 5.53 32.38 44.95
N GLU E 258 6.28 32.59 43.87
CA GLU E 258 7.75 32.79 43.96
C GLU E 258 8.10 34.05 43.16
N ALA E 259 9.26 34.65 43.43
CA ALA E 259 9.65 35.93 42.78
C ALA E 259 9.61 35.82 41.25
N GLU E 260 9.86 34.64 40.69
CA GLU E 260 9.92 34.49 39.21
C GLU E 260 8.53 34.69 38.60
N ASP E 261 7.48 34.43 39.38
CA ASP E 261 6.09 34.50 38.85
C ASP E 261 5.66 35.96 38.62
N VAL E 262 6.35 36.93 39.22
CA VAL E 262 5.85 38.34 39.09
C VAL E 262 5.89 38.72 37.61
N GLY E 263 4.85 39.43 37.15
CA GLY E 263 4.79 39.83 35.73
C GLY E 263 3.36 40.01 35.24
N VAL E 264 3.18 40.16 33.92
CA VAL E 264 1.87 40.39 33.33
C VAL E 264 1.35 39.09 32.73
N TYR E 265 0.14 38.71 33.08
CA TYR E 265 -0.49 37.46 32.64
C TYR E 265 -1.55 37.78 31.61
N TYR E 266 -1.54 37.05 30.50
CA TYR E 266 -2.47 37.28 29.40
C TYR E 266 -3.25 36.01 29.11
N CYS E 267 -4.58 36.11 29.13
CA CYS E 267 -5.40 35.03 28.60
C CYS E 267 -5.59 35.24 27.10
N MET E 268 -5.93 34.17 26.39
CA MET E 268 -6.13 34.25 24.91
C MET E 268 -7.12 33.16 24.48
N GLN E 269 -7.86 33.38 23.39
CA GLN E 269 -8.82 32.37 22.88
C GLN E 269 -8.31 31.84 21.54
N HIS E 270 -8.71 30.62 21.14
CA HIS E 270 -8.32 30.10 19.79
C HIS E 270 -9.55 29.49 19.11
N LEU E 271 -10.75 29.64 19.66
CA LEU E 271 -11.98 29.00 19.10
C LEU E 271 -12.26 29.52 17.70
N GLU E 272 -12.17 30.83 17.50
CA GLU E 272 -12.33 31.43 16.14
C GLU E 272 -10.97 32.02 15.78
N TYR E 273 -10.81 32.57 14.58
CA TYR E 273 -9.45 33.05 14.21
C TYR E 273 -9.11 34.51 14.56
N PRO E 274 -9.95 35.37 15.17
CA PRO E 274 -9.52 36.71 15.61
C PRO E 274 -8.38 36.51 16.64
N LEU E 275 -8.39 35.40 17.38
CA LEU E 275 -7.31 35.09 18.36
C LEU E 275 -7.17 36.26 19.33
N THR E 276 -8.31 36.75 19.85
CA THR E 276 -8.28 37.95 20.71
C THR E 276 -7.64 37.65 22.08
N PHE E 277 -6.63 38.43 22.45
CA PHE E 277 -5.96 38.32 23.76
C PHE E 277 -6.75 39.08 24.80
N GLY E 278 -6.17 39.27 25.97
CA GLY E 278 -6.79 40.03 27.02
C GLY E 278 -5.99 41.29 27.32
N ALA E 279 -6.49 42.06 28.29
CA ALA E 279 -5.77 43.26 28.69
C ALA E 279 -4.53 42.92 29.50
N GLY E 280 -4.60 41.87 30.29
CA GLY E 280 -3.47 41.45 31.08
C GLY E 280 -3.61 41.87 32.54
N THR E 281 -3.28 40.96 33.44
CA THR E 281 -3.29 41.21 34.87
C THR E 281 -1.87 41.17 35.39
N LYS E 282 -1.45 42.21 36.09
CA LYS E 282 -0.07 42.36 36.50
C LYS E 282 0.08 42.00 37.98
N LEU E 283 1.10 41.20 38.29
CA LEU E 283 1.45 40.83 39.65
C LEU E 283 2.77 41.48 40.01
N GLU E 284 2.78 42.19 41.14
CA GLU E 284 3.93 42.94 41.62
C GLU E 284 4.28 42.50 43.03
N DPN F 1 -38.03 1.45 -51.03
CA DPN F 1 -37.96 2.79 -51.64
C DPN F 1 -37.43 3.78 -50.60
O DPN F 1 -37.74 4.97 -50.64
CB DPN F 1 -37.05 2.79 -52.86
CG DPN F 1 -37.39 3.86 -53.68
CD1 DPN F 1 -38.72 4.23 -53.83
CD2 DPN F 1 -36.40 4.56 -54.36
CE1 DPN F 1 -39.06 5.29 -54.65
CE2 DPN F 1 -36.74 5.63 -55.19
CZ DPN F 1 -38.07 5.99 -55.33
N GLN F 2 -36.63 3.25 -49.68
CA GLN F 2 -36.02 4.07 -48.63
C GLN F 2 -34.53 3.77 -48.56
N TRP F 3 -34.23 2.50 -48.84
CA TRP F 3 -32.88 1.93 -48.83
C TRP F 3 -31.96 2.52 -49.89
N ALA F 4 -32.58 3.04 -50.96
CA ALA F 4 -31.88 3.61 -52.13
C ALA F 4 -30.92 4.70 -51.70
N VAL F 5 -31.47 5.88 -51.43
CA VAL F 5 -30.67 7.03 -50.97
C VAL F 5 -31.25 7.46 -49.63
N BAL F 6 -30.38 7.99 -48.78
CB BAL F 6 -30.83 8.46 -47.47
CA BAL F 6 -30.15 7.65 -46.37
C BAL F 6 -28.81 8.28 -46.01
O BAL F 6 -28.10 8.80 -46.87
N HIS F 7 -28.51 8.19 -44.70
CA HIS F 7 -27.30 8.76 -44.08
C HIS F 7 -26.03 7.96 -44.39
N PHE F 8 -25.13 8.04 -43.41
CA PHE F 8 -23.82 7.38 -43.38
C PHE F 8 -24.04 5.87 -43.42
N NLN F 9 -25.11 5.47 -42.74
CA NLN F 9 -25.53 4.08 -42.64
C NLN F 9 -26.96 3.99 -43.17
O NLN F 9 -27.71 4.96 -43.11
CB NLN F 9 -25.54 3.68 -41.18
CG NLN F 9 -24.11 3.42 -40.69
CD NLN F 9 -23.60 2.10 -41.26
CE NLN F 9 -22.41 1.61 -40.42
NH2 NLN F 9 -27.31 2.81 -43.68
#